data_5FPQ
#
_entry.id   5FPQ
#
_cell.length_a   104.869
_cell.length_b   104.869
_cell.length_c   323.250
_cell.angle_alpha   90.00
_cell.angle_beta   90.00
_cell.angle_gamma   120.00
#
_symmetry.space_group_name_H-M   'P 31 2 1'
#
loop_
_entity.id
_entity.type
_entity.pdbx_description
1 polymer ACETYLCHOLINESTERASE
2 non-polymer 'PENTAETHYLENE GLYCOL'
3 water water
#
_entity_poly.entity_id   1
_entity_poly.type   'polypeptide(L)'
_entity_poly.pdbx_seq_one_letter_code
;GREDAELLVTVRGGRLRGIRLKTPGGPVSAFLGIPFAEPPMGPRRFLPPEPKQPWSGVVDATTFQSVCYQYVDTLYPGFE
GTEMWNPNRELSEDCLYLNVWTPYPRPTSPTPVLVWIYGGGFYSGASSLDVYDGRFLVQAERTVLVSMNYRVGAFGFLAL
PGSREAPGNVGLLDQRLALQWVQENVAAFGGDPTSVTLFGE(SGB)AGAASVGMHLLSPPSRGLFHRAVLQSGAPNGPWA
TVGMGEARRRATQLAHLVGCPPGGTGGNDTELVACLRTRPAQVLVNHEWHVLPQESVFRFSFVPVVDGDFLSDTPEALIN
AGDFHGLQVLVGVVKDEGSYFLVYGAPGFSKDNESLISRAEFLAGVRVGVPQVSDLAAEAVVLHYTDWLHPEDPARLREA
LSDVVGDHNVVCPVAQLAGRLAAQGARVYAYVFEHRASTLSWPLWMGVPHGYEIEFIFGIPLDPSRNYTAEEKIFAQRLM
RYWANFARTGDPNEPRDPKAPQWPPYTAGAQQYVSLDLRPLEVRRGLRAQACAFWNRFLPKLLSAT
;
_entity_poly.pdbx_strand_id   A,B
#
loop_
_chem_comp.id
_chem_comp.type
_chem_comp.name
_chem_comp.formula
1PE non-polymer 'PENTAETHYLENE GLYCOL' 'C10 H22 O6'
#
# COMPACT_ATOMS: atom_id res chain seq x y z
N GLU A 3 -26.48 -5.06 -3.07
CA GLU A 3 -25.79 -6.22 -2.50
C GLU A 3 -24.66 -6.68 -3.42
N ASP A 4 -23.41 -6.47 -2.99
CA ASP A 4 -22.19 -6.75 -3.77
C ASP A 4 -21.87 -8.25 -3.84
N ALA A 5 -21.83 -8.80 -5.05
CA ALA A 5 -21.63 -10.23 -5.26
C ALA A 5 -20.28 -10.75 -4.77
N GLU A 6 -19.26 -9.89 -4.81
CA GLU A 6 -17.91 -10.29 -4.35
C GLU A 6 -17.86 -10.49 -2.83
N LEU A 7 -18.86 -9.97 -2.13
CA LEU A 7 -18.86 -10.04 -0.67
C LEU A 7 -19.82 -11.12 -0.16
N LEU A 8 -20.38 -11.89 -1.09
CA LEU A 8 -21.30 -12.97 -0.77
C LEU A 8 -20.67 -14.29 -1.19
N VAL A 9 -20.65 -15.24 -0.28
CA VAL A 9 -20.05 -16.54 -0.55
C VAL A 9 -20.89 -17.61 0.13
N THR A 10 -21.00 -18.76 -0.51
CA THR A 10 -21.68 -19.88 0.11
C THR A 10 -20.66 -20.95 0.49
N VAL A 11 -20.61 -21.27 1.77
CA VAL A 11 -19.77 -22.38 2.25
C VAL A 11 -20.69 -23.51 2.67
N ARG A 12 -20.16 -24.64 3.11
CA ARG A 12 -21.01 -25.80 3.36
C ARG A 12 -22.06 -25.55 4.43
N GLY A 13 -21.72 -24.74 5.42
CA GLY A 13 -22.64 -24.46 6.51
C GLY A 13 -23.78 -23.54 6.15
N GLY A 14 -23.57 -22.71 5.12
CA GLY A 14 -24.57 -21.74 4.72
C GLY A 14 -23.98 -20.52 4.04
N ARG A 15 -24.75 -19.43 3.99
CA ARG A 15 -24.34 -18.21 3.31
C ARG A 15 -23.56 -17.23 4.21
N LEU A 16 -22.57 -16.58 3.60
CA LEU A 16 -21.71 -15.62 4.28
C LEU A 16 -21.70 -14.29 3.58
N ARG A 17 -21.71 -13.21 4.35
N ARG A 17 -21.72 -13.21 4.36
CA ARG A 17 -21.54 -11.87 3.82
CA ARG A 17 -21.54 -11.85 3.85
C ARG A 17 -20.27 -11.26 4.41
C ARG A 17 -20.24 -11.32 4.41
N GLY A 18 -19.39 -10.78 3.54
CA GLY A 18 -18.10 -10.26 3.96
C GLY A 18 -18.04 -8.75 3.84
N ILE A 19 -16.83 -8.23 3.89
CA ILE A 19 -16.61 -6.79 3.94
C ILE A 19 -15.46 -6.45 2.97
N ARG A 20 -15.52 -5.27 2.34
CA ARG A 20 -14.44 -4.84 1.46
C ARG A 20 -13.43 -3.94 2.17
N LEU A 21 -12.20 -4.42 2.31
CA LEU A 21 -11.13 -3.66 2.96
C LEU A 21 -10.32 -2.80 2.01
N LYS A 22 -10.06 -1.56 2.41
CA LYS A 22 -9.12 -0.72 1.68
C LYS A 22 -7.69 -1.08 2.09
N THR A 23 -6.79 -1.11 1.11
CA THR A 23 -5.35 -1.24 1.40
C THR A 23 -4.55 -0.31 0.49
N PRO A 24 -3.39 0.15 0.98
CA PRO A 24 -2.52 1.03 0.21
C PRO A 24 -1.96 0.37 -1.04
N GLY A 25 -2.71 -0.56 -1.61
CA GLY A 25 -2.36 -1.15 -2.88
C GLY A 25 -3.61 -1.35 -3.70
N GLY A 26 -4.74 -1.51 -3.01
CA GLY A 26 -6.01 -1.79 -3.66
C GLY A 26 -6.94 -2.58 -2.75
N PRO A 27 -8.17 -2.86 -3.23
CA PRO A 27 -9.22 -3.51 -2.43
C PRO A 27 -8.97 -5.00 -2.17
N VAL A 28 -9.38 -5.44 -0.99
CA VAL A 28 -9.28 -6.84 -0.59
C VAL A 28 -10.63 -7.23 0.00
N SER A 29 -11.04 -8.49 -0.21
CA SER A 29 -12.28 -8.96 0.39
C SER A 29 -11.95 -9.68 1.69
N ALA A 30 -12.67 -9.35 2.75
CA ALA A 30 -12.45 -9.98 4.03
C ALA A 30 -13.73 -10.58 4.57
N PHE A 31 -13.63 -11.83 5.03
CA PHE A 31 -14.69 -12.51 5.71
C PHE A 31 -14.15 -12.83 7.10
N LEU A 32 -14.52 -11.99 8.07
CA LEU A 32 -13.96 -12.05 9.42
C LEU A 32 -14.98 -12.60 10.38
N GLY A 33 -14.56 -13.50 11.25
CA GLY A 33 -15.49 -14.06 12.21
C GLY A 33 -16.44 -15.11 11.65
N ILE A 34 -15.90 -16.05 10.87
CA ILE A 34 -16.70 -17.17 10.39
C ILE A 34 -16.73 -18.30 11.44
N PRO A 35 -17.94 -18.68 11.90
CA PRO A 35 -18.00 -19.76 12.90
C PRO A 35 -17.58 -21.09 12.28
N PHE A 36 -16.68 -21.82 12.92
CA PHE A 36 -16.30 -23.14 12.37
C PHE A 36 -16.58 -24.29 13.32
N ALA A 37 -16.90 -23.97 14.58
CA ALA A 37 -17.33 -24.97 15.54
C ALA A 37 -18.54 -24.48 16.33
N GLU A 38 -19.24 -25.39 16.98
CA GLU A 38 -20.21 -25.00 17.99
C GLU A 38 -19.44 -24.36 19.13
N PRO A 39 -20.03 -23.33 19.77
CA PRO A 39 -19.33 -22.70 20.92
C PRO A 39 -19.04 -23.72 22.01
N PRO A 40 -17.75 -23.84 22.39
CA PRO A 40 -17.28 -24.82 23.39
C PRO A 40 -17.53 -24.30 24.81
N MET A 41 -18.78 -23.97 25.11
CA MET A 41 -19.14 -23.38 26.39
C MET A 41 -19.90 -24.39 27.20
N GLY A 42 -20.10 -24.09 28.49
CA GLY A 42 -20.90 -24.92 29.37
C GLY A 42 -20.40 -26.35 29.43
N PRO A 43 -21.28 -27.30 29.04
CA PRO A 43 -20.99 -28.73 28.98
C PRO A 43 -19.92 -29.05 27.94
N ARG A 44 -19.70 -28.14 27.00
CA ARG A 44 -18.70 -28.37 25.95
C ARG A 44 -17.28 -27.85 26.27
N ARG A 45 -17.11 -27.28 27.47
CA ARG A 45 -15.78 -26.85 27.91
C ARG A 45 -14.88 -28.11 28.10
N PHE A 46 -13.66 -28.03 27.60
CA PHE A 46 -12.66 -29.12 27.65
C PHE A 46 -12.88 -30.22 26.62
N LEU A 47 -13.96 -30.14 25.85
CA LEU A 47 -14.27 -31.19 24.89
C LEU A 47 -13.75 -30.83 23.51
N PRO A 48 -13.50 -31.86 22.68
CA PRO A 48 -13.07 -31.61 21.31
C PRO A 48 -14.12 -30.77 20.59
N PRO A 49 -13.71 -29.94 19.64
CA PRO A 49 -14.67 -29.06 18.98
C PRO A 49 -15.68 -29.86 18.14
N GLU A 50 -16.95 -29.44 18.15
CA GLU A 50 -17.96 -30.01 17.26
C GLU A 50 -18.07 -29.10 16.06
N PRO A 51 -18.16 -29.67 14.85
CA PRO A 51 -18.34 -28.90 13.62
C PRO A 51 -19.59 -28.00 13.69
N LYS A 52 -19.47 -26.78 13.17
CA LYS A 52 -20.59 -25.85 13.20
C LYS A 52 -21.79 -26.36 12.37
N GLN A 53 -22.96 -26.41 12.97
N GLN A 53 -22.96 -26.42 12.97
CA GLN A 53 -24.18 -26.84 12.29
CA GLN A 53 -24.15 -26.87 12.26
C GLN A 53 -24.63 -25.82 11.24
C GLN A 53 -24.65 -25.83 11.25
N PRO A 54 -25.13 -26.31 10.09
CA PRO A 54 -25.60 -25.43 9.01
C PRO A 54 -26.63 -24.43 9.54
N TRP A 55 -26.66 -23.25 8.93
CA TRP A 55 -27.59 -22.20 9.33
C TRP A 55 -28.38 -21.76 8.12
N SER A 56 -29.57 -21.22 8.35
CA SER A 56 -30.34 -20.64 7.27
C SER A 56 -29.98 -19.15 7.23
N GLY A 57 -30.33 -18.47 6.15
CA GLY A 57 -30.02 -17.06 6.04
C GLY A 57 -28.53 -16.77 5.92
N VAL A 58 -28.15 -15.52 6.14
CA VAL A 58 -26.77 -15.07 5.92
C VAL A 58 -26.06 -14.66 7.21
N VAL A 59 -24.90 -15.25 7.46
CA VAL A 59 -24.03 -14.84 8.55
C VAL A 59 -23.14 -13.67 8.12
N ASP A 60 -23.19 -12.58 8.89
CA ASP A 60 -22.31 -11.43 8.67
C ASP A 60 -20.90 -11.72 9.20
N ALA A 61 -19.97 -11.99 8.29
CA ALA A 61 -18.58 -12.17 8.66
C ALA A 61 -17.84 -10.87 8.38
N THR A 62 -18.16 -9.84 9.18
CA THR A 62 -17.73 -8.49 8.90
C THR A 62 -16.78 -7.89 9.93
N THR A 63 -16.39 -8.67 10.94
CA THR A 63 -15.52 -8.15 12.00
C THR A 63 -14.96 -9.33 12.80
N PHE A 64 -13.79 -9.15 13.41
CA PHE A 64 -13.20 -10.20 14.23
C PHE A 64 -14.10 -10.54 15.42
N GLN A 65 -14.22 -11.83 15.69
CA GLN A 65 -15.01 -12.33 16.82
C GLN A 65 -14.20 -12.31 18.12
N SER A 66 -14.79 -12.79 19.22
CA SER A 66 -14.13 -12.67 20.52
C SER A 66 -12.79 -13.41 20.61
N VAL A 67 -11.93 -12.94 21.50
CA VAL A 67 -10.68 -13.58 21.81
C VAL A 67 -10.95 -14.72 22.80
N CYS A 68 -10.29 -15.86 22.61
CA CYS A 68 -10.47 -16.99 23.53
C CYS A 68 -10.02 -16.59 24.93
N TYR A 69 -10.80 -16.99 25.94
CA TYR A 69 -10.51 -16.62 27.32
C TYR A 69 -9.07 -16.95 27.67
N GLN A 70 -8.38 -16.02 28.33
CA GLN A 70 -6.96 -16.15 28.49
C GLN A 70 -6.43 -15.13 29.48
N TYR A 71 -5.30 -15.47 30.09
CA TYR A 71 -4.57 -14.55 30.94
C TYR A 71 -4.19 -13.29 30.15
N VAL A 72 -4.29 -12.13 30.79
CA VAL A 72 -3.90 -10.88 30.16
C VAL A 72 -2.65 -10.33 30.84
N ASP A 73 -1.58 -10.11 30.06
CA ASP A 73 -0.30 -9.67 30.63
C ASP A 73 -0.42 -8.28 31.26
N THR A 74 0.18 -8.15 32.44
CA THR A 74 0.13 -6.91 33.21
C THR A 74 1.51 -6.53 33.74
N LEU A 75 2.55 -7.21 33.25
CA LEU A 75 3.93 -6.94 33.67
C LEU A 75 4.30 -5.46 33.53
N TYR A 76 3.97 -4.88 32.37
CA TYR A 76 4.21 -3.46 32.10
C TYR A 76 2.96 -2.80 31.52
N PRO A 77 2.02 -2.40 32.38
CA PRO A 77 0.75 -1.83 31.91
C PRO A 77 0.93 -0.57 31.08
N GLY A 78 0.28 -0.50 29.92
CA GLY A 78 0.34 0.67 29.06
C GLY A 78 1.50 0.69 28.08
N PHE A 79 2.40 -0.27 28.22
CA PHE A 79 3.59 -0.36 27.38
C PHE A 79 3.24 -1.02 26.05
N GLU A 80 3.51 -0.35 24.95
CA GLU A 80 3.22 -0.87 23.61
C GLU A 80 3.80 -2.26 23.36
N GLY A 81 5.03 -2.49 23.80
CA GLY A 81 5.71 -3.75 23.57
C GLY A 81 5.00 -4.97 24.14
N THR A 82 4.16 -4.76 25.15
CA THR A 82 3.39 -5.86 25.72
C THR A 82 1.93 -5.78 25.32
N GLU A 83 1.40 -4.57 25.22
CA GLU A 83 -0.02 -4.38 24.90
C GLU A 83 -0.39 -4.90 23.51
N MET A 84 0.56 -4.83 22.58
CA MET A 84 0.33 -5.29 21.20
C MET A 84 0.01 -6.79 21.11
N TRP A 85 0.35 -7.55 22.15
CA TRP A 85 0.09 -8.98 22.20
C TRP A 85 -1.17 -9.33 23.01
N ASN A 86 -1.78 -8.33 23.62
CA ASN A 86 -2.95 -8.55 24.46
C ASN A 86 -4.23 -8.56 23.65
N PRO A 87 -5.28 -9.20 24.19
CA PRO A 87 -6.56 -9.31 23.48
C PRO A 87 -7.12 -7.93 23.13
N ASN A 88 -7.54 -7.74 21.88
CA ASN A 88 -8.07 -6.48 21.41
C ASN A 88 -9.56 -6.62 21.05
N ARG A 89 -10.15 -7.72 21.49
CA ARG A 89 -11.59 -7.95 21.44
C ARG A 89 -11.94 -8.52 22.80
N GLU A 90 -13.23 -8.55 23.14
CA GLU A 90 -13.63 -9.09 24.45
C GLU A 90 -13.33 -10.60 24.58
N LEU A 91 -13.06 -11.03 25.81
CA LEU A 91 -12.74 -12.43 26.08
C LEU A 91 -14.02 -13.25 26.12
N SER A 92 -13.98 -14.44 25.53
CA SER A 92 -15.15 -15.31 25.58
C SER A 92 -14.76 -16.76 25.37
N GLU A 93 -15.55 -17.67 25.93
CA GLU A 93 -15.35 -19.08 25.64
C GLU A 93 -15.94 -19.40 24.26
N ASP A 94 -16.86 -18.55 23.81
CA ASP A 94 -17.41 -18.61 22.43
C ASP A 94 -16.46 -17.86 21.51
N CYS A 95 -15.44 -18.56 21.00
CA CYS A 95 -14.35 -17.91 20.29
C CYS A 95 -13.88 -18.68 19.07
N LEU A 96 -14.60 -19.73 18.70
CA LEU A 96 -14.13 -20.58 17.60
C LEU A 96 -14.57 -20.08 16.22
N TYR A 97 -13.88 -19.03 15.77
CA TYR A 97 -14.14 -18.42 14.47
C TYR A 97 -12.84 -18.28 13.69
N LEU A 98 -12.96 -18.27 12.37
CA LEU A 98 -11.80 -18.08 11.53
C LEU A 98 -12.03 -16.94 10.52
N ASN A 99 -10.97 -16.54 9.83
CA ASN A 99 -10.99 -15.34 9.02
C ASN A 99 -10.41 -15.67 7.66
N VAL A 100 -11.03 -15.17 6.60
CA VAL A 100 -10.49 -15.38 5.25
C VAL A 100 -10.30 -14.03 4.55
N TRP A 101 -9.12 -13.82 3.98
CA TRP A 101 -8.87 -12.65 3.14
C TRP A 101 -8.62 -13.15 1.73
N THR A 102 -9.30 -12.54 0.76
CA THR A 102 -9.09 -12.93 -0.63
C THR A 102 -8.99 -11.69 -1.51
N PRO A 103 -8.29 -11.80 -2.64
CA PRO A 103 -8.19 -10.64 -3.53
C PRO A 103 -9.54 -10.18 -4.05
N TYR A 104 -9.67 -8.89 -4.31
CA TYR A 104 -10.87 -8.31 -4.91
C TYR A 104 -10.48 -7.83 -6.31
N PRO A 105 -11.10 -8.41 -7.35
CA PRO A 105 -12.15 -9.43 -7.25
C PRO A 105 -11.57 -10.82 -7.01
N ARG A 106 -12.44 -11.71 -6.54
CA ARG A 106 -12.11 -13.11 -6.26
C ARG A 106 -11.35 -13.74 -7.42
N PRO A 107 -10.26 -14.47 -7.13
CA PRO A 107 -9.45 -15.10 -8.17
C PRO A 107 -10.28 -16.00 -9.07
N THR A 108 -9.85 -16.17 -10.32
CA THR A 108 -10.61 -16.97 -11.27
C THR A 108 -9.95 -18.33 -11.47
N SER A 109 -8.69 -18.43 -11.09
CA SER A 109 -8.01 -19.72 -11.04
C SER A 109 -7.56 -20.00 -9.61
N PRO A 110 -7.53 -21.29 -9.22
CA PRO A 110 -7.14 -21.72 -7.87
C PRO A 110 -5.86 -21.04 -7.37
N THR A 111 -5.95 -20.37 -6.23
CA THR A 111 -4.85 -19.60 -5.68
C THR A 111 -4.30 -20.24 -4.41
N PRO A 112 -2.97 -20.21 -4.26
CA PRO A 112 -2.30 -20.71 -3.02
C PRO A 112 -2.91 -20.11 -1.77
N VAL A 113 -3.02 -20.93 -0.74
CA VAL A 113 -3.57 -20.51 0.53
C VAL A 113 -2.51 -20.53 1.64
N LEU A 114 -2.46 -19.43 2.38
CA LEU A 114 -1.62 -19.33 3.56
C LEU A 114 -2.53 -19.39 4.79
N VAL A 115 -2.25 -20.33 5.68
CA VAL A 115 -3.01 -20.46 6.92
C VAL A 115 -2.13 -20.14 8.12
N TRP A 116 -2.50 -19.07 8.82
CA TRP A 116 -1.72 -18.55 9.96
C TRP A 116 -2.20 -19.12 11.27
N ILE A 117 -1.25 -19.62 12.07
CA ILE A 117 -1.55 -20.07 13.43
C ILE A 117 -0.77 -19.21 14.41
N TYR A 118 -1.47 -18.34 15.14
CA TYR A 118 -0.78 -17.45 16.09
C TYR A 118 -0.10 -18.20 17.22
N GLY A 119 0.90 -17.55 17.81
CA GLY A 119 1.58 -18.04 19.01
C GLY A 119 1.05 -17.36 20.28
N GLY A 120 1.79 -17.49 21.37
CA GLY A 120 1.34 -17.03 22.68
C GLY A 120 1.46 -18.11 23.74
N GLY A 121 2.41 -19.01 23.55
CA GLY A 121 2.79 -20.00 24.55
C GLY A 121 1.70 -21.00 24.93
N PHE A 122 0.71 -21.14 24.06
CA PHE A 122 -0.47 -21.97 24.29
C PHE A 122 -1.37 -21.46 25.42
N TYR A 123 -1.08 -20.25 25.90
CA TYR A 123 -1.88 -19.67 26.97
C TYR A 123 -2.55 -18.34 26.58
N SER A 124 -2.19 -17.83 25.40
CA SER A 124 -2.72 -16.56 24.93
C SER A 124 -2.59 -16.46 23.42
N GLY A 125 -3.05 -15.33 22.90
CA GLY A 125 -3.00 -15.09 21.47
C GLY A 125 -4.39 -14.89 20.92
N ALA A 126 -4.46 -14.33 19.72
CA ALA A 126 -5.71 -14.12 19.03
C ALA A 126 -5.43 -13.83 17.57
N SER A 127 -6.35 -14.24 16.70
CA SER A 127 -6.17 -13.98 15.29
C SER A 127 -6.51 -12.51 14.97
N SER A 128 -7.06 -11.79 15.94
CA SER A 128 -7.56 -10.43 15.69
C SER A 128 -6.52 -9.34 15.92
N LEU A 129 -5.36 -9.70 16.43
CA LEU A 129 -4.29 -8.74 16.68
C LEU A 129 -3.91 -7.98 15.41
N ASP A 130 -3.67 -6.67 15.58
CA ASP A 130 -3.31 -5.79 14.46
C ASP A 130 -2.13 -6.34 13.66
N VAL A 131 -1.15 -6.89 14.38
CA VAL A 131 0.05 -7.40 13.74
C VAL A 131 -0.20 -8.64 12.85
N TYR A 132 -1.40 -9.24 12.93
CA TYR A 132 -1.74 -10.41 12.10
C TYR A 132 -2.70 -10.07 10.96
N ASP A 133 -2.95 -8.77 10.76
CA ASP A 133 -3.84 -8.29 9.71
C ASP A 133 -3.39 -8.82 8.33
N GLY A 134 -4.22 -9.66 7.72
CA GLY A 134 -3.86 -10.32 6.48
C GLY A 134 -4.04 -9.51 5.20
N ARG A 135 -4.56 -8.29 5.32
CA ARG A 135 -4.90 -7.51 4.13
C ARG A 135 -3.70 -7.21 3.21
N PHE A 136 -2.55 -6.89 3.79
CA PHE A 136 -1.36 -6.54 3.01
C PHE A 136 -0.74 -7.70 2.22
N LEU A 137 -0.66 -8.87 2.86
CA LEU A 137 -0.16 -10.08 2.19
C LEU A 137 -1.01 -10.44 0.98
N VAL A 138 -2.32 -10.37 1.17
CA VAL A 138 -3.26 -10.77 0.12
C VAL A 138 -3.11 -9.83 -1.05
N GLN A 139 -3.10 -8.54 -0.77
CA GLN A 139 -2.95 -7.54 -1.81
C GLN A 139 -1.60 -7.63 -2.54
N ALA A 140 -0.49 -7.66 -1.79
CA ALA A 140 0.85 -7.71 -2.37
C ALA A 140 1.13 -8.99 -3.16
N GLU A 141 0.69 -10.13 -2.65
CA GLU A 141 1.15 -11.39 -3.23
C GLU A 141 0.05 -12.23 -3.86
N ARG A 142 -1.17 -11.67 -3.88
CA ARG A 142 -2.34 -12.35 -4.45
C ARG A 142 -2.49 -13.79 -4.01
N THR A 143 -2.55 -14.01 -2.70
CA THR A 143 -2.82 -15.32 -2.16
C THR A 143 -4.10 -15.23 -1.36
N VAL A 144 -4.65 -16.36 -0.97
CA VAL A 144 -5.72 -16.35 0.00
C VAL A 144 -5.06 -16.54 1.37
N LEU A 145 -5.52 -15.77 2.36
CA LEU A 145 -5.00 -15.90 3.71
C LEU A 145 -6.12 -16.30 4.67
N VAL A 146 -5.82 -17.23 5.55
CA VAL A 146 -6.78 -17.72 6.53
C VAL A 146 -6.13 -17.75 7.91
N SER A 147 -6.82 -17.23 8.93
CA SER A 147 -6.38 -17.40 10.32
C SER A 147 -7.54 -17.92 11.14
N MET A 148 -7.24 -18.70 12.18
CA MET A 148 -8.29 -19.15 13.09
C MET A 148 -7.95 -18.82 14.53
N ASN A 149 -8.98 -18.70 15.38
CA ASN A 149 -8.79 -18.74 16.83
C ASN A 149 -8.83 -20.20 17.29
N TYR A 150 -8.00 -20.54 18.27
CA TYR A 150 -8.09 -21.85 18.90
C TYR A 150 -8.03 -21.64 20.40
N ARG A 151 -8.66 -22.53 21.17
CA ARG A 151 -8.66 -22.37 22.62
C ARG A 151 -7.25 -22.46 23.21
N VAL A 152 -6.98 -21.66 24.22
CA VAL A 152 -5.69 -21.65 24.88
C VAL A 152 -5.84 -21.85 26.39
N GLY A 153 -4.72 -21.92 27.09
CA GLY A 153 -4.74 -22.15 28.53
C GLY A 153 -5.47 -23.45 28.86
N ALA A 154 -6.06 -23.50 30.05
CA ALA A 154 -6.80 -24.67 30.49
C ALA A 154 -7.90 -25.05 29.48
N PHE A 155 -8.56 -24.05 28.91
CA PHE A 155 -9.70 -24.34 28.06
C PHE A 155 -9.25 -25.12 26.84
N GLY A 156 -8.02 -24.91 26.41
CA GLY A 156 -7.52 -25.61 25.25
C GLY A 156 -6.63 -26.80 25.58
N PHE A 157 -6.01 -26.81 26.76
CA PHE A 157 -4.97 -27.82 26.98
C PHE A 157 -4.95 -28.52 28.33
N LEU A 158 -5.91 -28.20 29.19
CA LEU A 158 -6.04 -28.96 30.43
C LEU A 158 -6.33 -30.38 30.01
N ALA A 159 -5.63 -31.33 30.62
CA ALA A 159 -5.77 -32.71 30.19
C ALA A 159 -5.77 -33.66 31.38
N LEU A 160 -6.77 -34.52 31.44
CA LEU A 160 -6.76 -35.65 32.35
C LEU A 160 -6.73 -36.86 31.42
N PRO A 161 -5.52 -37.23 30.98
CA PRO A 161 -5.33 -38.25 29.94
C PRO A 161 -6.11 -39.52 30.28
N GLY A 162 -6.74 -40.11 29.26
CA GLY A 162 -7.58 -41.28 29.45
C GLY A 162 -9.06 -40.95 29.62
N SER A 163 -9.35 -39.79 30.20
CA SER A 163 -10.74 -39.39 30.43
C SER A 163 -11.36 -38.87 29.14
N ARG A 164 -12.67 -39.02 28.98
CA ARG A 164 -13.32 -38.44 27.82
C ARG A 164 -13.86 -37.02 28.09
N GLU A 165 -13.97 -36.66 29.36
CA GLU A 165 -14.45 -35.31 29.72
C GLU A 165 -13.38 -34.22 29.54
N ALA A 166 -12.10 -34.57 29.62
CA ALA A 166 -11.02 -33.63 29.29
C ALA A 166 -9.80 -34.33 28.75
N PRO A 167 -9.87 -34.75 27.48
CA PRO A 167 -8.86 -35.60 26.83
C PRO A 167 -7.55 -34.86 26.55
N GLY A 168 -7.61 -33.54 26.47
CA GLY A 168 -6.40 -32.77 26.20
C GLY A 168 -6.24 -32.47 24.72
N ASN A 169 -5.40 -31.50 24.42
CA ASN A 169 -5.08 -31.16 23.04
C ASN A 169 -6.27 -30.63 22.25
N VAL A 170 -7.37 -30.29 22.92
CA VAL A 170 -8.54 -29.78 22.18
C VAL A 170 -8.22 -28.53 21.37
N GLY A 171 -7.35 -27.68 21.90
CA GLY A 171 -6.86 -26.54 21.15
C GLY A 171 -6.19 -26.92 19.83
N LEU A 172 -5.49 -28.05 19.81
CA LEU A 172 -4.90 -28.49 18.55
C LEU A 172 -6.00 -29.02 17.64
N LEU A 173 -7.04 -29.61 18.24
CA LEU A 173 -8.18 -30.10 17.48
C LEU A 173 -9.02 -28.95 16.90
N ASP A 174 -9.07 -27.82 17.62
CA ASP A 174 -9.65 -26.60 17.06
C ASP A 174 -8.93 -26.22 15.76
N GLN A 175 -7.59 -26.23 15.81
CA GLN A 175 -6.80 -25.96 14.62
C GLN A 175 -7.08 -26.95 13.50
N ARG A 176 -7.08 -28.22 13.83
CA ARG A 176 -7.36 -29.25 12.82
C ARG A 176 -8.73 -29.03 12.18
N LEU A 177 -9.73 -28.72 13.00
CA LEU A 177 -11.08 -28.51 12.48
C LEU A 177 -11.06 -27.35 11.49
N ALA A 178 -10.36 -26.28 11.83
CA ALA A 178 -10.25 -25.13 10.92
C ALA A 178 -9.56 -25.53 9.60
N LEU A 179 -8.48 -26.31 9.70
CA LEU A 179 -7.81 -26.85 8.52
C LEU A 179 -8.76 -27.69 7.63
N GLN A 180 -9.60 -28.50 8.25
CA GLN A 180 -10.62 -29.25 7.51
C GLN A 180 -11.62 -28.32 6.84
N TRP A 181 -11.92 -27.21 7.51
CA TRP A 181 -12.84 -26.22 6.95
C TRP A 181 -12.26 -25.62 5.67
N VAL A 182 -10.95 -25.34 5.71
CA VAL A 182 -10.22 -24.83 4.56
C VAL A 182 -10.31 -25.81 3.38
N GLN A 183 -10.01 -27.08 3.64
CA GLN A 183 -10.17 -28.11 2.62
C GLN A 183 -11.57 -28.12 2.00
N GLU A 184 -12.59 -28.04 2.84
CA GLU A 184 -13.97 -28.10 2.34
C GLU A 184 -14.46 -26.82 1.67
N ASN A 185 -13.99 -25.66 2.12
CA ASN A 185 -14.61 -24.40 1.70
C ASN A 185 -13.71 -23.38 1.00
N VAL A 186 -12.39 -23.56 1.07
CA VAL A 186 -11.49 -22.50 0.62
C VAL A 186 -11.67 -22.19 -0.87
N ALA A 187 -12.10 -23.20 -1.64
CA ALA A 187 -12.28 -23.06 -3.09
C ALA A 187 -13.38 -22.07 -3.43
N ALA A 188 -14.35 -21.91 -2.53
CA ALA A 188 -15.41 -20.93 -2.75
C ALA A 188 -14.90 -19.49 -2.65
N PHE A 189 -13.73 -19.31 -2.05
CA PHE A 189 -13.12 -17.98 -2.01
C PHE A 189 -12.03 -17.89 -3.08
N GLY A 190 -11.91 -18.92 -3.91
CA GLY A 190 -10.95 -18.91 -5.00
C GLY A 190 -9.63 -19.55 -4.64
N GLY A 191 -9.58 -20.15 -3.45
CA GLY A 191 -8.38 -20.81 -3.00
C GLY A 191 -8.24 -22.25 -3.50
N ASP A 192 -7.00 -22.69 -3.60
CA ASP A 192 -6.64 -24.04 -4.01
C ASP A 192 -6.35 -24.91 -2.77
N PRO A 193 -7.27 -25.84 -2.45
CA PRO A 193 -7.06 -26.69 -1.26
C PRO A 193 -5.90 -27.68 -1.42
N THR A 194 -5.41 -27.88 -2.64
CA THR A 194 -4.23 -28.72 -2.84
C THR A 194 -2.94 -27.98 -2.51
N SER A 195 -3.01 -26.65 -2.48
CA SER A 195 -1.84 -25.83 -2.19
C SER A 195 -1.99 -25.00 -0.91
N VAL A 196 -2.08 -25.67 0.24
CA VAL A 196 -2.17 -24.97 1.50
C VAL A 196 -0.83 -24.97 2.21
N THR A 197 -0.39 -23.79 2.62
CA THR A 197 0.85 -23.64 3.37
C THR A 197 0.55 -23.16 4.79
N LEU A 198 0.89 -23.96 5.77
CA LEU A 198 0.69 -23.56 7.16
C LEU A 198 1.85 -22.70 7.58
N PHE A 199 1.58 -21.58 8.21
CA PHE A 199 2.66 -20.89 8.90
C PHE A 199 2.24 -20.41 10.28
N GLY A 200 3.22 -20.35 11.17
CA GLY A 200 2.96 -19.90 12.53
C GLY A 200 4.25 -19.52 13.23
N GLU A 201 4.10 -18.82 14.34
CA GLU A 201 5.27 -18.32 15.05
C GLU A 201 5.18 -18.74 16.54
N SGB A 202 6.33 -19.10 17.14
CA SGB A 202 6.38 -19.57 18.55
C SGB A 202 5.55 -20.84 18.80
O SGB A 202 5.73 -21.84 18.12
CB SGB A 202 5.98 -18.40 19.46
OG SGB A 202 6.58 -18.52 20.74
O1 SGB A 202 4.27 -18.69 21.86
P1 SGB A 202 5.70 -18.25 22.08
C1 SGB A 202 6.57 -19.25 23.27
O2 SGB A 202 5.91 -16.72 22.42
C2 SGB A 202 5.01 -16.06 23.30
C4 SGB A 202 5.31 -14.57 23.27
C3 SGB A 202 5.20 -16.61 24.71
N ALA A 203 4.62 -20.81 19.77
CA ALA A 203 3.62 -21.87 19.91
C ALA A 203 2.83 -22.13 18.62
N GLY A 204 2.69 -21.10 17.78
CA GLY A 204 2.09 -21.29 16.47
C GLY A 204 2.97 -22.17 15.59
N ALA A 205 4.28 -21.94 15.67
CA ALA A 205 5.24 -22.77 14.93
C ALA A 205 5.27 -24.20 15.48
N ALA A 206 5.27 -24.34 16.81
CA ALA A 206 5.17 -25.65 17.42
C ALA A 206 3.88 -26.38 16.98
N SER A 207 2.76 -25.66 16.88
CA SER A 207 1.50 -26.24 16.44
C SER A 207 1.66 -26.78 15.01
N VAL A 208 2.28 -25.95 14.16
CA VAL A 208 2.49 -26.33 12.76
C VAL A 208 3.26 -27.64 12.74
N GLY A 209 4.32 -27.72 13.54
CA GLY A 209 5.15 -28.92 13.58
C GLY A 209 4.34 -30.13 14.01
N MET A 210 3.44 -29.93 14.95
CA MET A 210 2.62 -31.02 15.45
C MET A 210 1.64 -31.53 14.41
N HIS A 211 1.09 -30.64 13.58
CA HIS A 211 0.26 -31.07 12.47
C HIS A 211 1.09 -31.85 11.44
N LEU A 212 2.37 -31.52 11.33
CA LEU A 212 3.30 -32.25 10.48
C LEU A 212 3.46 -33.69 10.94
N LEU A 213 3.33 -33.91 12.25
CA LEU A 213 3.70 -35.19 12.85
C LEU A 213 2.48 -35.99 13.26
N SER A 214 1.30 -35.46 12.94
CA SER A 214 0.05 -36.14 13.22
C SER A 214 -0.62 -36.43 11.89
N PRO A 215 -0.69 -37.71 11.51
CA PRO A 215 -1.23 -38.16 10.22
C PRO A 215 -2.59 -37.55 9.80
N PRO A 216 -3.57 -37.52 10.71
CA PRO A 216 -4.87 -36.93 10.37
C PRO A 216 -4.72 -35.47 9.94
N SER A 217 -3.78 -34.72 10.52
CA SER A 217 -3.55 -33.33 10.12
C SER A 217 -2.78 -33.25 8.81
N ARG A 218 -1.88 -34.21 8.61
CA ARG A 218 -0.87 -34.14 7.55
C ARG A 218 -1.48 -34.11 6.14
N GLY A 219 -2.66 -34.71 6.00
CA GLY A 219 -3.37 -34.65 4.73
C GLY A 219 -4.12 -33.35 4.44
N LEU A 220 -4.12 -32.42 5.40
CA LEU A 220 -4.89 -31.18 5.25
C LEU A 220 -4.05 -29.99 4.76
N PHE A 221 -2.75 -30.21 4.55
CA PHE A 221 -1.91 -29.15 4.04
C PHE A 221 -0.72 -29.68 3.27
N HIS A 222 -0.03 -28.80 2.57
CA HIS A 222 1.02 -29.22 1.67
C HIS A 222 2.44 -28.77 2.08
N ARG A 223 2.57 -27.55 2.59
CA ARG A 223 3.87 -26.99 2.96
C ARG A 223 3.82 -26.33 4.33
N ALA A 224 4.99 -26.09 4.92
CA ALA A 224 5.05 -25.61 6.29
C ALA A 224 6.10 -24.53 6.48
N VAL A 225 5.73 -23.52 7.27
CA VAL A 225 6.66 -22.47 7.70
C VAL A 225 6.64 -22.39 9.22
N LEU A 226 7.80 -22.55 9.85
CA LEU A 226 7.92 -22.51 11.30
C LEU A 226 8.85 -21.36 11.69
N GLN A 227 8.26 -20.35 12.31
CA GLN A 227 9.02 -19.16 12.69
C GLN A 227 9.30 -19.20 14.18
N SER A 228 10.56 -19.31 14.58
CA SER A 228 10.94 -19.19 16.00
C SER A 228 10.21 -20.15 16.93
N GLY A 229 10.06 -21.40 16.50
CA GLY A 229 9.41 -22.39 17.33
C GLY A 229 9.47 -23.76 16.65
N ALA A 230 9.24 -24.81 17.43
CA ALA A 230 9.34 -26.18 16.96
C ALA A 230 8.60 -27.04 17.95
N PRO A 231 8.00 -28.14 17.47
CA PRO A 231 7.22 -29.05 18.34
C PRO A 231 8.12 -29.76 19.35
N ASN A 232 9.41 -29.90 19.03
CA ASN A 232 10.37 -30.53 19.93
C ASN A 232 10.95 -29.63 21.06
N GLY A 233 10.63 -28.34 21.08
CA GLY A 233 11.01 -27.51 22.23
C GLY A 233 10.61 -28.09 23.60
N PRO A 234 11.46 -27.89 24.63
CA PRO A 234 11.20 -28.43 25.98
C PRO A 234 9.94 -27.85 26.67
N TRP A 235 9.24 -26.95 26.00
CA TRP A 235 8.11 -26.22 26.59
C TRP A 235 6.80 -26.49 25.87
N ALA A 236 6.89 -27.02 24.66
CA ALA A 236 5.73 -27.16 23.77
C ALA A 236 4.89 -28.41 24.05
N THR A 237 5.47 -29.38 24.74
CA THR A 237 4.71 -30.57 25.09
C THR A 237 4.97 -30.92 26.52
N VAL A 238 4.05 -31.69 27.10
CA VAL A 238 4.19 -32.20 28.46
C VAL A 238 3.79 -33.69 28.42
N GLY A 239 4.30 -34.50 29.36
CA GLY A 239 3.96 -35.92 29.43
C GLY A 239 2.62 -36.16 30.12
N MET A 240 2.13 -37.41 30.11
CA MET A 240 0.77 -37.68 30.60
C MET A 240 0.60 -37.44 32.10
N GLY A 241 1.61 -37.82 32.89
CA GLY A 241 1.58 -37.68 34.33
C GLY A 241 1.66 -36.22 34.73
N GLU A 242 2.61 -35.51 34.14
CA GLU A 242 2.75 -34.08 34.43
C GLU A 242 1.47 -33.31 34.06
N ALA A 243 0.82 -33.65 32.94
CA ALA A 243 -0.41 -32.95 32.60
C ALA A 243 -1.47 -33.25 33.65
N ARG A 244 -1.57 -34.50 34.07
CA ARG A 244 -2.53 -34.89 35.08
C ARG A 244 -2.29 -34.16 36.41
N ARG A 245 -1.03 -34.06 36.81
CA ARG A 245 -0.65 -33.36 38.04
C ARG A 245 -1.11 -31.90 38.00
N ARG A 246 -0.84 -31.23 36.88
CA ARG A 246 -1.22 -29.83 36.71
C ARG A 246 -2.73 -29.63 36.72
N ALA A 247 -3.45 -30.48 35.99
CA ALA A 247 -4.90 -30.36 35.92
C ALA A 247 -5.44 -30.55 37.32
N THR A 248 -4.96 -31.60 37.98
CA THR A 248 -5.42 -31.91 39.34
C THR A 248 -5.16 -30.76 40.31
N GLN A 249 -4.00 -30.11 40.19
N GLN A 249 -4.00 -30.12 40.17
CA GLN A 249 -3.68 -29.02 41.11
CA GLN A 249 -3.62 -29.02 41.06
C GLN A 249 -4.52 -27.77 40.83
C GLN A 249 -4.49 -27.78 40.82
N LEU A 250 -4.77 -27.48 39.55
CA LEU A 250 -5.65 -26.37 39.19
C LEU A 250 -7.03 -26.61 39.81
N ALA A 251 -7.55 -27.81 39.64
CA ALA A 251 -8.85 -28.19 40.17
C ALA A 251 -8.86 -27.96 41.67
N HIS A 252 -7.79 -28.38 42.32
CA HIS A 252 -7.68 -28.21 43.76
C HIS A 252 -7.69 -26.73 44.17
N LEU A 253 -6.99 -25.89 43.41
CA LEU A 253 -6.89 -24.46 43.70
C LEU A 253 -8.22 -23.71 43.62
N VAL A 254 -9.15 -24.22 42.81
CA VAL A 254 -10.46 -23.59 42.67
C VAL A 254 -11.54 -24.40 43.38
N GLY A 255 -11.10 -25.24 44.32
CA GLY A 255 -11.99 -25.95 45.22
C GLY A 255 -12.68 -27.15 44.61
N CYS A 256 -12.01 -27.84 43.69
CA CYS A 256 -12.61 -29.02 43.06
C CYS A 256 -11.98 -30.30 43.55
N PRO A 257 -12.67 -30.97 44.50
CA PRO A 257 -12.34 -32.28 45.07
C PRO A 257 -11.70 -33.21 44.06
N GLY A 262 -8.60 -37.29 45.13
CA GLY A 262 -9.00 -36.08 44.42
C GLY A 262 -9.24 -36.34 42.93
N GLY A 263 -9.96 -37.42 42.61
CA GLY A 263 -10.40 -37.68 41.22
C GLY A 263 -11.19 -38.98 40.90
N ASN A 264 -12.50 -38.86 40.79
CA ASN A 264 -13.24 -39.51 39.71
C ASN A 264 -13.16 -38.40 38.67
N ASP A 265 -12.63 -38.70 37.48
CA ASP A 265 -12.37 -37.65 36.50
C ASP A 265 -13.65 -36.94 36.02
N THR A 266 -14.71 -37.70 35.80
CA THR A 266 -16.00 -37.11 35.44
C THR A 266 -16.48 -36.10 36.47
N GLU A 267 -16.45 -36.46 37.75
CA GLU A 267 -16.89 -35.55 38.81
C GLU A 267 -16.01 -34.30 38.88
N LEU A 268 -14.70 -34.49 38.80
CA LEU A 268 -13.76 -33.39 38.88
C LEU A 268 -13.98 -32.38 37.74
N VAL A 269 -14.06 -32.87 36.50
CA VAL A 269 -14.26 -31.97 35.37
C VAL A 269 -15.62 -31.29 35.46
N ALA A 270 -16.64 -32.03 35.85
CA ALA A 270 -17.98 -31.45 36.00
C ALA A 270 -17.95 -30.30 37.01
N CYS A 271 -17.20 -30.47 38.09
CA CYS A 271 -16.98 -29.38 39.04
C CYS A 271 -16.21 -28.20 38.39
N LEU A 272 -15.13 -28.49 37.66
CA LEU A 272 -14.45 -27.45 36.88
C LEU A 272 -15.37 -26.71 35.92
N ARG A 273 -16.31 -27.42 35.31
CA ARG A 273 -17.20 -26.78 34.33
C ARG A 273 -18.06 -25.71 34.97
N THR A 274 -18.30 -25.81 36.27
CA THR A 274 -19.13 -24.81 36.97
C THR A 274 -18.37 -23.53 37.32
N ARG A 275 -17.04 -23.55 37.17
CA ARG A 275 -16.24 -22.38 37.52
C ARG A 275 -16.26 -21.32 36.44
N PRO A 276 -16.49 -20.06 36.84
CA PRO A 276 -16.40 -18.92 35.90
C PRO A 276 -15.05 -18.99 35.19
N ALA A 277 -15.02 -18.69 33.90
CA ALA A 277 -13.81 -18.79 33.12
C ALA A 277 -12.65 -18.04 33.78
N GLN A 278 -12.95 -16.84 34.26
CA GLN A 278 -11.93 -15.97 34.84
C GLN A 278 -11.29 -16.61 36.07
N VAL A 279 -12.08 -17.37 36.83
CA VAL A 279 -11.54 -18.01 38.02
C VAL A 279 -10.44 -19.01 37.65
N LEU A 280 -10.66 -19.78 36.59
CA LEU A 280 -9.65 -20.75 36.17
C LEU A 280 -8.39 -20.00 35.73
N VAL A 281 -8.58 -18.95 34.95
CA VAL A 281 -7.47 -18.12 34.48
C VAL A 281 -6.65 -17.53 35.63
N ASN A 282 -7.32 -17.05 36.67
CA ASN A 282 -6.62 -16.47 37.83
C ASN A 282 -5.65 -17.41 38.52
N HIS A 283 -5.82 -18.72 38.34
CA HIS A 283 -4.95 -19.69 39.05
C HIS A 283 -3.99 -20.44 38.12
N GLU A 284 -4.11 -20.23 36.81
CA GLU A 284 -3.34 -20.96 35.80
C GLU A 284 -1.83 -21.03 36.07
N TRP A 285 -1.23 -19.89 36.38
CA TRP A 285 0.22 -19.83 36.54
C TRP A 285 0.73 -20.56 37.79
N HIS A 286 -0.11 -20.67 38.80
CA HIS A 286 0.31 -21.26 40.08
C HIS A 286 0.33 -22.79 40.12
N VAL A 287 0.22 -23.45 38.97
CA VAL A 287 0.32 -24.92 38.95
C VAL A 287 1.67 -25.41 38.45
N LEU A 288 2.51 -24.49 38.00
CA LEU A 288 3.84 -24.86 37.52
C LEU A 288 4.73 -25.27 38.68
N PRO A 289 5.56 -26.30 38.46
CA PRO A 289 6.44 -26.96 39.43
C PRO A 289 7.49 -26.02 40.06
N GLN A 290 7.96 -25.03 39.32
CA GLN A 290 8.88 -24.02 39.85
C GLN A 290 8.76 -22.70 39.10
N GLU A 291 9.28 -21.64 39.73
CA GLU A 291 9.45 -20.36 39.06
C GLU A 291 10.37 -20.56 37.84
N SER A 292 9.99 -19.96 36.71
CA SER A 292 10.79 -20.11 35.50
C SER A 292 10.42 -19.08 34.44
N VAL A 293 11.19 -19.05 33.36
CA VAL A 293 10.77 -18.37 32.15
C VAL A 293 10.62 -19.40 31.02
N PHE A 294 9.73 -19.12 30.07
CA PHE A 294 9.51 -19.97 28.92
C PHE A 294 8.95 -21.34 29.29
N ARG A 295 8.14 -21.38 30.36
CA ARG A 295 7.36 -22.57 30.73
C ARG A 295 5.89 -22.22 30.91
N PHE A 296 5.01 -23.02 30.33
CA PHE A 296 3.59 -22.69 30.32
C PHE A 296 2.77 -23.85 30.90
N SER A 297 1.79 -23.52 31.73
CA SER A 297 1.11 -24.54 32.51
C SER A 297 0.44 -25.59 31.64
N PHE A 298 -0.32 -25.14 30.66
CA PHE A 298 -1.16 -26.04 29.88
C PHE A 298 -0.80 -26.01 28.40
N VAL A 299 -0.18 -27.09 27.95
CA VAL A 299 0.34 -27.18 26.60
C VAL A 299 -0.01 -28.56 26.05
N PRO A 300 0.27 -28.79 24.75
CA PRO A 300 -0.02 -30.09 24.14
C PRO A 300 0.55 -31.28 24.95
N VAL A 301 -0.24 -32.34 25.05
CA VAL A 301 0.16 -33.51 25.83
C VAL A 301 0.46 -34.69 24.90
N VAL A 302 1.56 -35.39 25.17
CA VAL A 302 1.92 -36.59 24.42
C VAL A 302 1.22 -37.81 25.01
N ASP A 303 0.12 -38.22 24.39
CA ASP A 303 -0.77 -39.23 24.95
C ASP A 303 -1.05 -40.42 24.03
N GLY A 304 -0.40 -40.47 22.87
CA GLY A 304 -0.61 -41.59 21.95
C GLY A 304 -1.59 -41.27 20.85
N ASP A 305 -2.43 -40.25 21.09
CA ASP A 305 -3.51 -39.95 20.15
C ASP A 305 -3.09 -38.91 19.11
N PHE A 306 -3.23 -37.62 19.43
CA PHE A 306 -2.77 -36.59 18.50
C PHE A 306 -1.31 -36.84 18.14
N LEU A 307 -0.46 -37.00 19.15
CA LEU A 307 0.94 -37.37 18.96
C LEU A 307 1.16 -38.80 19.45
N SER A 308 1.51 -39.71 18.54
CA SER A 308 1.69 -41.12 18.92
C SER A 308 2.97 -41.34 19.73
N ASP A 309 3.83 -40.33 19.75
CA ASP A 309 5.11 -40.39 20.45
C ASP A 309 5.59 -38.96 20.62
N THR A 310 6.73 -38.76 21.28
CA THR A 310 7.27 -37.41 21.46
C THR A 310 7.64 -36.87 20.08
N PRO A 311 7.55 -35.54 19.93
CA PRO A 311 7.89 -34.91 18.66
C PRO A 311 9.31 -35.23 18.24
N GLU A 312 10.21 -35.36 19.21
N GLU A 312 10.23 -35.39 19.19
CA GLU A 312 11.59 -35.77 18.94
CA GLU A 312 11.60 -35.75 18.83
C GLU A 312 11.66 -37.10 18.21
C GLU A 312 11.70 -37.14 18.21
N ALA A 313 10.98 -38.10 18.76
CA ALA A 313 11.00 -39.45 18.19
C ALA A 313 10.32 -39.45 16.82
N LEU A 314 9.22 -38.73 16.69
CA LEU A 314 8.44 -38.72 15.45
C LEU A 314 9.26 -38.12 14.32
N ILE A 315 10.05 -37.10 14.65
CA ILE A 315 10.93 -36.47 13.69
C ILE A 315 12.04 -37.44 13.24
N ASN A 316 12.65 -38.14 14.18
CA ASN A 316 13.71 -39.10 13.86
C ASN A 316 13.22 -40.29 13.05
N ALA A 317 11.94 -40.61 13.21
CA ALA A 317 11.37 -41.81 12.60
C ALA A 317 10.67 -41.53 11.28
N GLY A 318 10.35 -40.26 11.04
CA GLY A 318 9.56 -39.93 9.87
C GLY A 318 10.28 -40.00 8.53
N ASP A 319 9.52 -40.23 7.47
CA ASP A 319 10.01 -40.04 6.12
C ASP A 319 9.36 -38.75 5.63
N PHE A 320 10.18 -37.80 5.21
CA PHE A 320 9.65 -36.50 4.85
C PHE A 320 9.95 -36.12 3.40
N HIS A 321 10.23 -37.11 2.57
CA HIS A 321 10.37 -36.88 1.13
C HIS A 321 9.11 -36.20 0.59
N GLY A 322 9.29 -35.15 -0.21
CA GLY A 322 8.17 -34.44 -0.79
C GLY A 322 7.67 -33.28 0.06
N LEU A 323 8.35 -33.02 1.17
CA LEU A 323 7.97 -31.93 2.06
C LEU A 323 8.90 -30.74 1.88
N GLN A 324 8.33 -29.55 1.70
CA GLN A 324 9.11 -28.32 1.76
C GLN A 324 8.79 -27.53 3.00
N VAL A 325 9.83 -27.11 3.71
CA VAL A 325 9.69 -26.39 4.94
C VAL A 325 10.60 -25.18 4.93
N LEU A 326 10.10 -24.10 5.52
CA LEU A 326 10.87 -22.89 5.72
C LEU A 326 10.86 -22.65 7.24
N VAL A 327 12.06 -22.49 7.81
CA VAL A 327 12.22 -22.35 9.26
C VAL A 327 13.22 -21.25 9.54
N GLY A 328 13.04 -20.57 10.67
CA GLY A 328 13.99 -19.55 11.06
C GLY A 328 13.81 -19.06 12.48
N VAL A 329 14.73 -18.20 12.90
CA VAL A 329 14.72 -17.60 14.21
C VAL A 329 15.07 -16.11 14.05
N VAL A 330 14.80 -15.30 15.08
CA VAL A 330 15.29 -13.93 15.12
C VAL A 330 16.65 -13.95 15.77
N LYS A 331 17.36 -12.83 15.75
CA LYS A 331 18.73 -12.77 16.23
C LYS A 331 18.88 -12.94 17.75
N ASP A 332 17.90 -12.48 18.53
CA ASP A 332 17.96 -12.55 20.00
C ASP A 332 16.69 -13.19 20.63
N GLU A 333 16.58 -14.51 20.49
CA GLU A 333 15.40 -15.26 20.92
C GLU A 333 15.12 -15.22 22.43
N GLY A 334 16.17 -15.07 23.23
CA GLY A 334 16.02 -15.22 24.68
C GLY A 334 15.62 -13.97 25.44
N SER A 335 16.08 -12.83 24.97
CA SER A 335 16.02 -11.57 25.72
C SER A 335 14.64 -11.21 26.28
N TYR A 336 13.62 -11.27 25.42
CA TYR A 336 12.25 -10.92 25.79
C TYR A 336 11.83 -11.67 27.06
N PHE A 337 12.24 -12.94 27.15
CA PHE A 337 11.77 -13.82 28.23
C PHE A 337 12.42 -13.54 29.58
N LEU A 338 13.61 -12.93 29.56
CA LEU A 338 14.37 -12.66 30.77
C LEU A 338 13.69 -11.67 31.74
N VAL A 339 12.94 -10.69 31.20
CA VAL A 339 12.24 -9.73 32.05
C VAL A 339 11.04 -10.37 32.74
N TYR A 340 10.78 -11.64 32.47
CA TYR A 340 9.63 -12.32 33.07
C TYR A 340 9.97 -13.23 34.25
N GLY A 341 11.08 -12.96 34.93
CA GLY A 341 11.39 -13.73 36.12
C GLY A 341 12.86 -13.92 36.45
N ALA A 342 13.73 -13.68 35.47
CA ALA A 342 15.17 -13.80 35.71
C ALA A 342 15.64 -12.67 36.63
N PRO A 343 16.30 -13.02 37.73
CA PRO A 343 16.78 -12.06 38.74
C PRO A 343 17.70 -10.99 38.13
N GLY A 344 17.38 -9.73 38.37
CA GLY A 344 18.20 -8.62 37.89
C GLY A 344 17.83 -8.05 36.53
N PHE A 345 16.76 -8.57 35.93
CA PHE A 345 16.37 -8.11 34.59
C PHE A 345 15.21 -7.15 34.60
N SER A 346 15.29 -6.16 33.71
CA SER A 346 14.23 -5.20 33.54
C SER A 346 14.33 -4.57 32.14
N LYS A 347 13.18 -4.19 31.59
CA LYS A 347 13.17 -3.45 30.34
C LYS A 347 13.64 -2.02 30.58
N ASP A 348 13.67 -1.61 31.86
CA ASP A 348 13.90 -0.21 32.24
C ASP A 348 15.32 0.12 32.70
N ASN A 349 16.15 -0.91 32.88
CA ASN A 349 17.58 -0.70 33.12
C ASN A 349 18.39 -1.58 32.15
N GLU A 350 19.72 -1.56 32.29
CA GLU A 350 20.56 -2.32 31.37
C GLU A 350 20.53 -3.81 31.64
N SER A 351 20.02 -4.20 32.81
CA SER A 351 20.00 -5.60 33.21
C SER A 351 21.42 -6.16 33.18
N LEU A 352 22.35 -5.41 33.77
CA LEU A 352 23.73 -5.82 33.89
C LEU A 352 23.93 -6.64 35.17
N ILE A 353 23.68 -7.94 35.06
CA ILE A 353 23.62 -8.85 36.21
C ILE A 353 24.99 -9.31 36.72
N SER A 354 25.02 -9.71 37.98
CA SER A 354 26.22 -10.28 38.61
C SER A 354 26.36 -11.77 38.28
N ARG A 355 27.51 -12.35 38.62
CA ARG A 355 27.73 -13.77 38.42
C ARG A 355 26.66 -14.55 39.18
N ALA A 356 26.41 -14.16 40.42
CA ALA A 356 25.43 -14.82 41.28
C ALA A 356 24.04 -14.81 40.65
N GLU A 357 23.65 -13.69 40.03
CA GLU A 357 22.36 -13.57 39.35
C GLU A 357 22.33 -14.45 38.11
N PHE A 358 23.45 -14.51 37.40
CA PHE A 358 23.61 -15.41 36.27
C PHE A 358 23.36 -16.86 36.67
N LEU A 359 24.01 -17.29 37.75
CA LEU A 359 23.90 -18.67 38.21
C LEU A 359 22.47 -18.99 38.63
N ALA A 360 21.83 -18.03 39.30
CA ALA A 360 20.45 -18.24 39.72
C ALA A 360 19.51 -18.19 38.52
N GLY A 361 19.86 -17.36 37.53
CA GLY A 361 19.06 -17.23 36.30
C GLY A 361 19.08 -18.50 35.46
N VAL A 362 20.21 -19.21 35.48
CA VAL A 362 20.31 -20.48 34.78
C VAL A 362 19.26 -21.49 35.26
N ARG A 363 19.05 -21.59 36.58
CA ARG A 363 18.02 -22.50 37.12
C ARG A 363 16.59 -22.09 36.74
N VAL A 364 16.36 -20.79 36.65
CA VAL A 364 15.09 -20.24 36.19
C VAL A 364 14.89 -20.55 34.71
N GLY A 365 15.93 -20.28 33.91
CA GLY A 365 15.87 -20.45 32.47
C GLY A 365 15.96 -21.89 31.97
N VAL A 366 16.58 -22.75 32.76
CA VAL A 366 16.65 -24.16 32.42
C VAL A 366 16.01 -24.94 33.56
N PRO A 367 14.69 -24.82 33.68
CA PRO A 367 13.99 -25.35 34.84
C PRO A 367 13.91 -26.86 34.84
N GLN A 368 13.85 -27.43 36.04
CA GLN A 368 13.64 -28.86 36.24
C GLN A 368 14.64 -29.81 35.55
N VAL A 369 15.92 -29.46 35.62
CA VAL A 369 16.98 -30.38 35.25
C VAL A 369 17.87 -30.57 36.46
N SER A 370 18.65 -31.64 36.47
CA SER A 370 19.54 -31.92 37.61
C SER A 370 20.57 -30.81 37.83
N ASP A 371 21.11 -30.75 39.04
CA ASP A 371 22.21 -29.82 39.33
C ASP A 371 23.41 -30.04 38.40
N LEU A 372 23.69 -31.28 38.05
CA LEU A 372 24.78 -31.58 37.12
C LEU A 372 24.52 -30.94 35.75
N ALA A 373 23.31 -31.14 35.23
CA ALA A 373 22.91 -30.54 33.96
C ALA A 373 23.09 -29.03 34.00
N ALA A 374 22.65 -28.42 35.10
CA ALA A 374 22.82 -26.99 35.29
C ALA A 374 24.29 -26.56 35.27
N GLU A 375 25.15 -27.39 35.85
CA GLU A 375 26.59 -27.12 35.88
C GLU A 375 27.14 -27.18 34.47
N ALA A 376 26.64 -28.13 33.68
CA ALA A 376 27.03 -28.25 32.29
C ALA A 376 26.66 -26.98 31.51
N VAL A 377 25.45 -26.48 31.74
CA VAL A 377 25.04 -25.24 31.10
C VAL A 377 25.99 -24.10 31.46
N VAL A 378 26.31 -23.96 32.74
CA VAL A 378 27.17 -22.88 33.20
C VAL A 378 28.55 -22.99 32.58
N LEU A 379 29.01 -24.23 32.41
CA LEU A 379 30.32 -24.50 31.81
C LEU A 379 30.37 -23.99 30.38
N HIS A 380 29.34 -24.30 29.61
N HIS A 380 29.34 -24.30 29.62
CA HIS A 380 29.31 -23.94 28.19
CA HIS A 380 29.30 -23.93 28.21
C HIS A 380 29.06 -22.44 27.96
C HIS A 380 29.07 -22.45 27.98
N TYR A 381 28.28 -21.82 28.83
CA TYR A 381 27.92 -20.41 28.61
C TYR A 381 28.75 -19.41 29.41
N THR A 382 29.71 -19.91 30.17
CA THR A 382 30.66 -19.04 30.85
C THR A 382 31.86 -18.83 29.93
N ASP A 383 32.33 -17.58 29.82
CA ASP A 383 33.62 -17.32 29.21
C ASP A 383 34.62 -17.28 30.35
N TRP A 384 35.52 -18.26 30.39
CA TRP A 384 36.38 -18.42 31.56
C TRP A 384 37.56 -17.45 31.64
N LEU A 385 37.67 -16.59 30.62
CA LEU A 385 38.57 -15.44 30.70
C LEU A 385 37.84 -14.20 31.24
N HIS A 386 36.51 -14.24 31.25
CA HIS A 386 35.73 -13.10 31.72
C HIS A 386 34.50 -13.62 32.48
N PRO A 387 34.72 -14.47 33.50
CA PRO A 387 33.60 -15.18 34.12
C PRO A 387 32.59 -14.27 34.82
N GLU A 388 33.00 -13.03 35.13
CA GLU A 388 32.16 -12.13 35.91
C GLU A 388 31.74 -10.84 35.21
N ASP A 389 32.03 -10.72 33.92
CA ASP A 389 31.67 -9.49 33.20
C ASP A 389 30.16 -9.39 32.97
N PRO A 390 29.53 -8.39 33.60
CA PRO A 390 28.06 -8.23 33.64
C PRO A 390 27.41 -8.21 32.26
N ALA A 391 27.97 -7.46 31.32
CA ALA A 391 27.42 -7.41 29.97
C ALA A 391 27.46 -8.77 29.26
N ARG A 392 28.59 -9.47 29.38
CA ARG A 392 28.72 -10.81 28.81
C ARG A 392 27.77 -11.80 29.49
N LEU A 393 27.59 -11.66 30.79
CA LEU A 393 26.66 -12.51 31.53
C LEU A 393 25.21 -12.31 31.07
N ARG A 394 24.82 -11.06 30.85
CA ARG A 394 23.48 -10.76 30.37
C ARG A 394 23.26 -11.42 29.01
N GLU A 395 24.23 -11.25 28.11
CA GLU A 395 24.16 -11.86 26.77
C GLU A 395 24.10 -13.38 26.87
N ALA A 396 24.90 -13.92 27.78
CA ALA A 396 25.01 -15.37 27.94
C ALA A 396 23.69 -15.98 28.41
N LEU A 397 23.03 -15.33 29.37
CA LEU A 397 21.76 -15.86 29.86
C LEU A 397 20.69 -15.80 28.77
N SER A 398 20.69 -14.72 28.01
CA SER A 398 19.81 -14.59 26.87
C SER A 398 20.04 -15.76 25.88
N ASP A 399 21.30 -16.06 25.61
CA ASP A 399 21.62 -17.19 24.73
C ASP A 399 21.17 -18.52 25.33
N VAL A 400 21.37 -18.70 26.64
CA VAL A 400 20.94 -19.94 27.32
C VAL A 400 19.45 -20.18 27.05
N VAL A 401 18.66 -19.16 27.36
CA VAL A 401 17.21 -19.28 27.22
C VAL A 401 16.80 -19.42 25.77
N GLY A 402 17.38 -18.60 24.89
CA GLY A 402 17.07 -18.65 23.48
C GLY A 402 17.52 -19.93 22.80
N ASP A 403 18.69 -20.43 23.17
CA ASP A 403 19.20 -21.66 22.55
C ASP A 403 18.36 -22.87 22.95
N HIS A 404 18.10 -22.96 24.24
CA HIS A 404 17.44 -24.11 24.82
C HIS A 404 15.98 -24.23 24.35
N ASN A 405 15.29 -23.09 24.28
CA ASN A 405 13.87 -23.07 23.95
C ASN A 405 13.51 -22.89 22.48
N VAL A 406 14.40 -22.30 21.69
CA VAL A 406 14.08 -21.97 20.30
C VAL A 406 15.13 -22.40 19.25
N VAL A 407 16.33 -21.85 19.33
CA VAL A 407 17.31 -22.08 18.27
C VAL A 407 17.68 -23.54 18.14
N CYS A 408 17.97 -24.20 19.25
CA CYS A 408 18.41 -25.59 19.14
C CYS A 408 17.30 -26.56 18.74
N PRO A 409 16.07 -26.37 19.29
CA PRO A 409 14.93 -27.16 18.77
C PRO A 409 14.65 -26.91 17.27
N VAL A 410 14.75 -25.67 16.80
CA VAL A 410 14.61 -25.39 15.36
C VAL A 410 15.72 -26.06 14.54
N ALA A 411 16.96 -25.90 14.98
CA ALA A 411 18.10 -26.55 14.30
C ALA A 411 17.94 -28.07 14.20
N GLN A 412 17.53 -28.70 15.30
CA GLN A 412 17.33 -30.14 15.29
C GLN A 412 16.26 -30.51 14.27
N LEU A 413 15.18 -29.76 14.27
CA LEU A 413 14.07 -30.01 13.37
C LEU A 413 14.53 -29.92 11.91
N ALA A 414 15.18 -28.80 11.58
CA ALA A 414 15.67 -28.54 10.25
C ALA A 414 16.63 -29.64 9.81
N GLY A 415 17.58 -29.95 10.69
CA GLY A 415 18.58 -30.98 10.43
C GLY A 415 17.98 -32.34 10.12
N ARG A 416 17.12 -32.82 11.01
CA ARG A 416 16.51 -34.13 10.82
C ARG A 416 15.59 -34.16 9.62
N LEU A 417 14.79 -33.12 9.44
CA LEU A 417 13.89 -33.10 8.30
C LEU A 417 14.68 -33.17 6.99
N ALA A 418 15.78 -32.42 6.90
CA ALA A 418 16.63 -32.43 5.70
C ALA A 418 17.20 -33.82 5.47
N ALA A 419 17.86 -34.36 6.47
CA ALA A 419 18.49 -35.68 6.38
C ALA A 419 17.50 -36.80 6.01
N GLN A 420 16.20 -36.52 6.11
CA GLN A 420 15.19 -37.54 5.90
C GLN A 420 14.25 -37.22 4.76
N GLY A 421 14.70 -36.35 3.86
CA GLY A 421 14.01 -36.18 2.59
C GLY A 421 13.34 -34.85 2.33
N ALA A 422 13.31 -33.98 3.35
CA ALA A 422 12.60 -32.69 3.20
C ALA A 422 13.49 -31.67 2.53
N ARG A 423 12.89 -30.78 1.75
CA ARG A 423 13.63 -29.59 1.33
C ARG A 423 13.36 -28.48 2.35
N VAL A 424 14.44 -28.01 2.95
CA VAL A 424 14.36 -27.08 4.08
C VAL A 424 15.11 -25.80 3.76
N TYR A 425 14.52 -24.65 4.08
CA TYR A 425 15.21 -23.36 3.99
C TYR A 425 15.22 -22.69 5.36
N ALA A 426 16.37 -22.15 5.74
CA ALA A 426 16.50 -21.58 7.08
C ALA A 426 16.98 -20.15 6.99
N TYR A 427 16.46 -19.31 7.89
CA TYR A 427 16.86 -17.92 7.93
C TYR A 427 17.18 -17.52 9.37
N VAL A 428 17.91 -16.42 9.51
CA VAL A 428 18.01 -15.71 10.77
C VAL A 428 17.57 -14.28 10.48
N PHE A 429 16.58 -13.80 11.22
CA PHE A 429 16.05 -12.46 11.03
C PHE A 429 16.83 -11.45 11.87
N GLU A 430 17.44 -10.47 11.22
CA GLU A 430 18.43 -9.62 11.90
C GLU A 430 18.11 -8.14 11.94
N HIS A 431 16.92 -7.77 11.50
CA HIS A 431 16.56 -6.35 11.53
C HIS A 431 15.79 -5.97 12.79
N ARG A 432 16.29 -4.96 13.49
CA ARG A 432 15.56 -4.40 14.61
C ARG A 432 14.68 -3.27 14.11
N ALA A 433 13.38 -3.40 14.30
CA ALA A 433 12.40 -2.41 13.85
C ALA A 433 12.66 -1.00 14.40
N SER A 434 12.50 -0.01 13.54
CA SER A 434 12.64 1.38 13.98
C SER A 434 11.58 1.75 15.02
N THR A 435 10.47 1.00 15.04
CA THR A 435 9.34 1.30 15.91
C THR A 435 9.36 0.49 17.21
N LEU A 436 10.39 -0.33 17.38
CA LEU A 436 10.49 -1.23 18.53
C LEU A 436 10.56 -0.43 19.85
N SER A 437 9.71 -0.79 20.81
CA SER A 437 9.63 -0.04 22.07
C SER A 437 10.45 -0.68 23.20
N TRP A 438 10.88 -1.92 22.99
CA TRP A 438 11.77 -2.59 23.94
C TRP A 438 13.16 -1.96 23.90
N PRO A 439 13.90 -2.04 25.01
CA PRO A 439 15.24 -1.44 25.15
C PRO A 439 16.26 -2.01 24.14
N LEU A 440 17.27 -1.22 23.83
CA LEU A 440 18.28 -1.60 22.86
C LEU A 440 18.99 -2.90 23.19
N TRP A 441 19.21 -3.16 24.48
CA TRP A 441 19.92 -4.37 24.88
C TRP A 441 19.20 -5.68 24.46
N MET A 442 17.90 -5.60 24.15
CA MET A 442 17.17 -6.80 23.76
C MET A 442 17.39 -7.17 22.30
N GLY A 443 18.13 -6.34 21.56
CA GLY A 443 18.42 -6.61 20.16
C GLY A 443 17.18 -6.85 19.30
N VAL A 444 17.21 -7.92 18.51
CA VAL A 444 16.02 -8.32 17.76
C VAL A 444 15.29 -9.40 18.53
N PRO A 445 14.22 -9.02 19.23
CA PRO A 445 13.56 -9.96 20.15
C PRO A 445 12.56 -10.88 19.45
N HIS A 446 12.26 -11.99 20.12
CA HIS A 446 11.25 -12.93 19.71
C HIS A 446 9.95 -12.20 19.34
N GLY A 447 9.34 -12.61 18.23
CA GLY A 447 8.08 -12.05 17.80
C GLY A 447 8.15 -10.88 16.83
N TYR A 448 9.33 -10.29 16.65
CA TYR A 448 9.40 -9.03 15.90
C TYR A 448 9.73 -9.11 14.40
N GLU A 449 9.75 -10.33 13.87
CA GLU A 449 9.79 -10.51 12.42
C GLU A 449 8.38 -10.52 11.84
N ILE A 450 7.40 -10.88 12.67
CA ILE A 450 6.02 -11.13 12.22
C ILE A 450 5.46 -9.95 11.46
N GLU A 451 5.64 -8.76 12.02
CA GLU A 451 5.08 -7.55 11.44
C GLU A 451 5.60 -7.30 10.01
N PHE A 452 6.81 -7.78 9.73
CA PHE A 452 7.36 -7.62 8.38
C PHE A 452 6.81 -8.66 7.41
N ILE A 453 6.66 -9.89 7.89
CA ILE A 453 6.06 -10.98 7.09
C ILE A 453 4.63 -10.61 6.68
N PHE A 454 3.88 -9.98 7.59
CA PHE A 454 2.52 -9.55 7.26
C PHE A 454 2.48 -8.19 6.55
N GLY A 455 3.63 -7.56 6.36
CA GLY A 455 3.68 -6.31 5.61
C GLY A 455 3.06 -5.12 6.32
N ILE A 456 3.00 -5.19 7.65
CA ILE A 456 2.47 -4.10 8.46
C ILE A 456 3.08 -2.71 8.16
N PRO A 457 4.39 -2.66 7.84
CA PRO A 457 4.97 -1.34 7.53
C PRO A 457 4.29 -0.60 6.38
N LEU A 458 3.54 -1.29 5.52
CA LEU A 458 2.85 -0.63 4.42
C LEU A 458 1.58 0.09 4.88
N ASP A 459 1.24 -0.05 6.16
CA ASP A 459 0.14 0.69 6.73
C ASP A 459 0.56 2.14 6.97
N PRO A 460 -0.09 3.09 6.27
CA PRO A 460 0.22 4.53 6.33
C PRO A 460 0.27 5.08 7.76
N SER A 461 -0.76 4.77 8.56
CA SER A 461 -0.89 5.26 9.94
C SER A 461 0.29 4.89 10.83
N ARG A 462 1.10 3.95 10.38
CA ARG A 462 2.30 3.57 11.10
C ARG A 462 3.52 4.26 10.47
N ASN A 463 4.58 4.40 11.26
CA ASN A 463 5.67 5.28 10.86
C ASN A 463 6.97 4.52 10.64
N TYR A 464 6.92 3.46 9.85
CA TYR A 464 8.10 2.73 9.44
C TYR A 464 8.88 3.52 8.38
N THR A 465 10.18 3.30 8.29
CA THR A 465 10.97 3.97 7.24
C THR A 465 10.66 3.36 5.89
N ALA A 466 10.98 4.09 4.83
CA ALA A 466 10.79 3.58 3.47
C ALA A 466 11.57 2.28 3.26
N GLU A 467 12.80 2.24 3.78
CA GLU A 467 13.61 1.04 3.72
C GLU A 467 12.91 -0.17 4.33
N GLU A 468 12.27 0.03 5.48
CA GLU A 468 11.54 -1.07 6.11
C GLU A 468 10.36 -1.51 5.25
N LYS A 469 9.79 -0.61 4.47
CA LYS A 469 8.68 -0.98 3.61
C LYS A 469 9.17 -1.86 2.47
N ILE A 470 10.33 -1.52 1.93
CA ILE A 470 10.99 -2.31 0.90
C ILE A 470 11.36 -3.69 1.44
N PHE A 471 11.92 -3.71 2.65
CA PHE A 471 12.27 -4.96 3.33
C PHE A 471 11.03 -5.85 3.49
N ALA A 472 9.96 -5.29 4.06
CA ALA A 472 8.68 -6.01 4.21
C ALA A 472 8.23 -6.65 2.90
N GLN A 473 8.32 -5.88 1.82
CA GLN A 473 7.98 -6.39 0.50
C GLN A 473 8.87 -7.55 0.06
N ARG A 474 10.16 -7.51 0.38
CA ARG A 474 11.07 -8.61 0.04
C ARG A 474 10.63 -9.88 0.76
N LEU A 475 10.35 -9.76 2.06
CA LEU A 475 9.97 -10.93 2.87
C LEU A 475 8.64 -11.53 2.46
N MET A 476 7.66 -10.68 2.19
CA MET A 476 6.35 -11.14 1.76
C MET A 476 6.51 -11.94 0.49
N ARG A 477 7.40 -11.45 -0.38
CA ARG A 477 7.71 -12.12 -1.65
C ARG A 477 8.34 -13.52 -1.44
N TYR A 478 9.28 -13.62 -0.49
CA TYR A 478 9.94 -14.90 -0.15
C TYR A 478 8.93 -15.92 0.38
N TRP A 479 8.14 -15.50 1.36
CA TRP A 479 7.09 -16.32 1.94
C TRP A 479 6.08 -16.78 0.89
N ALA A 480 5.63 -15.86 0.04
CA ALA A 480 4.64 -16.20 -1.00
C ALA A 480 5.25 -17.10 -2.07
N ASN A 481 6.49 -16.82 -2.46
CA ASN A 481 7.19 -17.68 -3.41
C ASN A 481 7.28 -19.10 -2.88
N PHE A 482 7.53 -19.22 -1.58
CA PHE A 482 7.62 -20.50 -0.95
C PHE A 482 6.26 -21.19 -0.98
N ALA A 483 5.22 -20.48 -0.56
CA ALA A 483 3.85 -21.01 -0.63
C ALA A 483 3.45 -21.48 -2.04
N ARG A 484 3.76 -20.68 -3.06
CA ARG A 484 3.45 -21.05 -4.45
C ARG A 484 4.29 -22.20 -4.99
N THR A 485 5.59 -22.21 -4.69
CA THR A 485 6.51 -23.11 -5.40
C THR A 485 7.36 -24.01 -4.50
N GLY A 486 7.29 -23.79 -3.19
CA GLY A 486 8.12 -24.55 -2.27
C GLY A 486 9.56 -24.08 -2.25
N ASP A 487 9.80 -22.91 -2.84
CA ASP A 487 11.15 -22.35 -2.97
C ASP A 487 11.03 -20.82 -2.86
N PRO A 488 11.69 -20.21 -1.86
CA PRO A 488 11.51 -18.76 -1.67
C PRO A 488 12.17 -17.92 -2.75
N ASN A 489 13.04 -18.54 -3.56
CA ASN A 489 13.82 -17.81 -4.56
C ASN A 489 13.07 -17.27 -5.78
N GLU A 490 13.57 -16.13 -6.27
CA GLU A 490 13.17 -15.50 -7.52
C GLU A 490 14.16 -15.88 -8.62
N PRO A 491 13.74 -15.74 -9.89
CA PRO A 491 14.65 -15.79 -11.06
C PRO A 491 15.97 -15.05 -10.81
N ARG A 492 17.08 -15.69 -11.21
CA ARG A 492 18.42 -15.30 -10.78
C ARG A 492 18.86 -13.87 -11.08
N ASP A 493 19.69 -13.34 -10.19
CA ASP A 493 20.14 -11.96 -10.26
C ASP A 493 21.66 -11.91 -10.35
N PRO A 497 21.08 -12.93 -5.83
CA PRO A 497 21.50 -13.54 -4.55
C PRO A 497 20.54 -14.66 -4.14
N GLN A 498 21.02 -15.90 -4.17
CA GLN A 498 20.15 -17.06 -4.02
C GLN A 498 20.20 -17.67 -2.62
N TRP A 499 19.02 -18.04 -2.14
CA TRP A 499 18.85 -18.70 -0.85
C TRP A 499 18.96 -20.23 -1.03
N PRO A 500 20.10 -20.82 -0.60
CA PRO A 500 20.30 -22.27 -0.78
C PRO A 500 19.60 -23.06 0.30
N PRO A 501 19.28 -24.34 0.01
CA PRO A 501 18.61 -25.19 1.01
C PRO A 501 19.48 -25.50 2.24
N TYR A 502 18.85 -25.62 3.41
CA TYR A 502 19.56 -26.08 4.58
C TYR A 502 19.76 -27.60 4.51
N THR A 503 20.96 -28.05 4.82
CA THR A 503 21.26 -29.50 4.91
C THR A 503 22.05 -29.80 6.18
N ALA A 504 21.95 -31.05 6.64
CA ALA A 504 22.59 -31.45 7.90
C ALA A 504 24.11 -31.21 7.89
N GLY A 505 24.73 -31.35 6.73
CA GLY A 505 26.15 -31.14 6.60
C GLY A 505 26.56 -29.68 6.46
N ALA A 506 26.19 -29.06 5.34
CA ALA A 506 26.59 -27.68 5.09
C ALA A 506 25.88 -26.67 6.02
N GLN A 507 24.67 -27.01 6.46
CA GLN A 507 23.93 -26.21 7.45
C GLN A 507 23.84 -24.73 7.05
N GLN A 508 23.54 -24.49 5.78
CA GLN A 508 23.46 -23.13 5.26
C GLN A 508 22.11 -22.46 5.52
N TYR A 509 22.15 -21.18 5.90
CA TYR A 509 20.94 -20.38 6.13
C TYR A 509 21.27 -18.96 5.69
N VAL A 510 20.25 -18.10 5.62
CA VAL A 510 20.49 -16.72 5.21
C VAL A 510 20.09 -15.71 6.29
N SER A 511 20.81 -14.60 6.36
CA SER A 511 20.42 -13.48 7.22
C SER A 511 19.38 -12.62 6.51
N LEU A 512 18.28 -12.37 7.18
CA LEU A 512 17.28 -11.46 6.66
C LEU A 512 17.41 -10.11 7.36
N ASP A 513 17.76 -9.08 6.58
CA ASP A 513 17.64 -7.68 7.03
C ASP A 513 17.75 -6.74 5.85
N LEU A 514 18.04 -5.47 6.12
CA LEU A 514 17.97 -4.43 5.07
C LEU A 514 18.91 -4.67 3.90
N ARG A 515 20.10 -5.22 4.18
CA ARG A 515 21.07 -5.59 3.14
C ARG A 515 20.62 -6.88 2.46
N PRO A 516 21.19 -7.17 1.28
CA PRO A 516 20.84 -8.39 0.51
C PRO A 516 21.17 -9.67 1.26
N LEU A 517 20.53 -10.78 0.86
CA LEU A 517 20.82 -12.09 1.44
C LEU A 517 22.30 -12.35 1.57
N GLU A 518 22.70 -12.81 2.75
CA GLU A 518 24.05 -13.25 3.00
C GLU A 518 23.92 -14.68 3.50
N VAL A 519 24.68 -15.58 2.91
CA VAL A 519 24.63 -17.00 3.24
C VAL A 519 25.61 -17.31 4.36
N ARG A 520 25.17 -18.06 5.36
CA ARG A 520 26.04 -18.46 6.48
C ARG A 520 25.92 -19.93 6.83
N ARG A 521 26.81 -20.41 7.69
CA ARG A 521 26.80 -21.82 8.08
C ARG A 521 26.59 -22.04 9.56
N GLY A 522 25.69 -22.95 9.91
CA GLY A 522 25.54 -23.39 11.28
C GLY A 522 24.63 -22.53 12.13
N LEU A 523 23.52 -23.12 12.55
CA LEU A 523 22.61 -22.47 13.48
C LEU A 523 23.10 -22.72 14.92
N ARG A 524 24.03 -21.88 15.38
N ARG A 524 24.03 -21.89 15.39
CA ARG A 524 24.71 -22.08 16.68
CA ARG A 524 24.65 -22.09 16.71
C ARG A 524 25.09 -23.54 16.85
C ARG A 524 25.09 -23.54 16.86
N ALA A 525 25.84 -24.05 15.89
CA ALA A 525 26.19 -25.46 15.83
C ALA A 525 26.86 -26.00 17.10
N GLN A 526 27.80 -25.24 17.67
CA GLN A 526 28.45 -25.70 18.90
C GLN A 526 27.47 -25.79 20.08
N ALA A 527 26.72 -24.72 20.32
CA ALA A 527 25.71 -24.72 21.38
C ALA A 527 24.73 -25.88 21.19
N CYS A 528 24.22 -25.98 19.97
CA CYS A 528 23.15 -26.94 19.69
C CYS A 528 23.58 -28.40 19.74
N ALA A 529 24.86 -28.67 19.54
CA ALA A 529 25.40 -30.00 19.77
C ALA A 529 25.26 -30.34 21.25
N PHE A 530 25.57 -29.36 22.09
CA PHE A 530 25.37 -29.53 23.53
C PHE A 530 23.90 -29.80 23.88
N TRP A 531 22.99 -28.96 23.40
CA TRP A 531 21.58 -29.12 23.76
C TRP A 531 20.94 -30.34 23.11
N ASN A 532 21.30 -30.60 21.85
CA ASN A 532 20.63 -31.66 21.09
C ASN A 532 21.30 -33.04 21.15
N ARG A 533 22.62 -33.08 21.28
CA ARG A 533 23.35 -34.35 21.27
C ARG A 533 23.81 -34.81 22.66
N PHE A 534 24.33 -33.90 23.46
CA PHE A 534 24.90 -34.30 24.75
C PHE A 534 23.94 -34.28 25.94
N LEU A 535 23.26 -33.16 26.17
CA LEU A 535 22.40 -33.00 27.34
C LEU A 535 21.39 -34.15 27.54
N PRO A 536 20.74 -34.59 26.46
CA PRO A 536 19.82 -35.73 26.62
C PRO A 536 20.50 -36.98 27.19
N LYS A 537 21.75 -37.24 26.77
CA LYS A 537 22.52 -38.37 27.31
C LYS A 537 22.85 -38.18 28.78
N LEU A 538 23.14 -36.94 29.13
CA LEU A 538 23.45 -36.62 30.52
C LEU A 538 22.22 -36.80 31.41
N LEU A 539 21.04 -36.43 30.89
CA LEU A 539 19.79 -36.54 31.65
C LEU A 539 19.33 -37.99 31.85
N SER A 540 19.68 -38.88 30.92
CA SER A 540 19.44 -40.31 31.11
C SER A 540 20.37 -40.94 32.16
N ALA A 541 21.05 -40.11 32.96
CA ALA A 541 21.97 -40.62 33.97
C ALA A 541 22.26 -39.60 35.09
N GLU B 3 -41.98 18.98 -9.91
CA GLU B 3 -40.58 19.17 -9.53
C GLU B 3 -39.88 17.81 -9.29
N ASP B 4 -38.67 17.67 -9.80
CA ASP B 4 -37.90 16.43 -9.68
C ASP B 4 -36.94 16.43 -8.48
N ALA B 5 -37.23 15.61 -7.48
CA ALA B 5 -36.47 15.55 -6.23
C ALA B 5 -35.01 15.13 -6.44
N GLU B 6 -34.75 14.43 -7.53
CA GLU B 6 -33.41 13.92 -7.80
C GLU B 6 -32.42 15.03 -8.19
N LEU B 7 -32.96 16.16 -8.63
CA LEU B 7 -32.14 17.28 -9.09
C LEU B 7 -32.04 18.38 -8.04
N LEU B 8 -32.63 18.12 -6.88
CA LEU B 8 -32.54 19.05 -5.75
C LEU B 8 -31.53 18.46 -4.77
N VAL B 9 -30.50 19.23 -4.46
CA VAL B 9 -29.49 18.78 -3.52
C VAL B 9 -29.16 19.91 -2.55
N THR B 10 -28.90 19.54 -1.30
CA THR B 10 -28.48 20.50 -0.30
C THR B 10 -27.01 20.26 0.04
N VAL B 11 -26.18 21.29 -0.12
CA VAL B 11 -24.79 21.18 0.27
C VAL B 11 -24.62 22.07 1.49
N ARG B 12 -23.42 22.17 2.02
CA ARG B 12 -23.24 22.94 3.24
C ARG B 12 -23.67 24.39 3.06
N GLY B 13 -23.38 24.96 1.91
CA GLY B 13 -23.73 26.34 1.64
C GLY B 13 -25.22 26.60 1.49
N GLY B 14 -26.01 25.56 1.22
CA GLY B 14 -27.41 25.74 0.91
C GLY B 14 -27.89 24.87 -0.25
N ARG B 15 -29.03 25.22 -0.83
CA ARG B 15 -29.71 24.35 -1.77
C ARG B 15 -29.38 24.62 -3.23
N LEU B 16 -29.27 23.54 -4.02
CA LEU B 16 -28.99 23.62 -5.44
C LEU B 16 -30.10 22.95 -6.26
N ARG B 17 -30.26 23.41 -7.50
N ARG B 17 -30.28 23.43 -7.49
CA ARG B 17 -31.16 22.77 -8.45
CA ARG B 17 -31.17 22.77 -8.45
C ARG B 17 -30.35 22.34 -9.68
C ARG B 17 -30.35 22.34 -9.68
N GLY B 18 -30.33 21.04 -9.95
CA GLY B 18 -29.56 20.52 -11.06
C GLY B 18 -30.37 20.31 -12.33
N ILE B 19 -29.76 19.64 -13.30
CA ILE B 19 -30.44 19.34 -14.54
C ILE B 19 -30.15 17.90 -14.98
N ARG B 20 -31.11 17.29 -15.65
CA ARG B 20 -30.97 15.96 -16.22
C ARG B 20 -30.42 16.10 -17.63
N LEU B 21 -29.34 15.38 -17.91
CA LEU B 21 -28.72 15.40 -19.22
C LEU B 21 -28.93 14.06 -19.92
N LYS B 22 -29.11 14.09 -21.25
CA LYS B 22 -29.21 12.87 -22.03
C LYS B 22 -27.85 12.38 -22.53
N THR B 23 -27.70 11.06 -22.60
CA THR B 23 -26.63 10.42 -23.37
C THR B 23 -27.24 9.22 -24.07
N PRO B 24 -26.54 8.70 -25.08
CA PRO B 24 -26.92 7.50 -25.83
C PRO B 24 -27.13 6.29 -24.90
N GLY B 25 -26.52 6.30 -23.72
CA GLY B 25 -26.69 5.20 -22.77
C GLY B 25 -27.70 5.44 -21.65
N GLY B 26 -28.43 6.55 -21.73
CA GLY B 26 -29.37 6.91 -20.68
C GLY B 26 -28.99 8.20 -19.96
N PRO B 27 -29.84 8.67 -19.04
CA PRO B 27 -29.64 9.98 -18.41
C PRO B 27 -28.56 10.01 -17.32
N VAL B 28 -28.20 11.25 -16.99
CA VAL B 28 -27.17 11.55 -16.03
C VAL B 28 -27.63 12.84 -15.34
N SER B 29 -27.28 13.00 -14.06
CA SER B 29 -27.62 14.20 -13.31
C SER B 29 -26.41 15.12 -13.35
N ALA B 30 -26.65 16.41 -13.59
CA ALA B 30 -25.56 17.38 -13.57
C ALA B 30 -25.88 18.61 -12.73
N PHE B 31 -24.89 19.04 -11.97
CA PHE B 31 -25.00 20.29 -11.25
C PHE B 31 -23.83 21.17 -11.67
N LEU B 32 -24.17 22.19 -12.45
CA LEU B 32 -23.18 23.03 -13.12
C LEU B 32 -23.25 24.43 -12.56
N GLY B 33 -22.09 25.05 -12.36
CA GLY B 33 -22.02 26.43 -11.88
C GLY B 33 -22.29 26.54 -10.39
N ILE B 34 -21.75 25.61 -9.60
CA ILE B 34 -21.87 25.67 -8.15
C ILE B 34 -20.77 26.59 -7.61
N PRO B 35 -21.15 27.67 -6.92
CA PRO B 35 -20.12 28.56 -6.36
C PRO B 35 -19.37 27.88 -5.23
N PHE B 36 -18.03 27.87 -5.25
CA PHE B 36 -17.29 27.29 -4.13
C PHE B 36 -16.37 28.30 -3.44
N ALA B 37 -16.31 29.51 -3.97
CA ALA B 37 -15.53 30.59 -3.37
C ALA B 37 -16.28 31.90 -3.53
N GLU B 38 -16.04 32.84 -2.63
CA GLU B 38 -16.46 34.22 -2.87
C GLU B 38 -15.75 34.74 -4.13
N PRO B 39 -16.47 35.49 -4.98
CA PRO B 39 -15.88 36.03 -6.21
C PRO B 39 -14.61 36.84 -5.93
N PRO B 40 -13.49 36.44 -6.54
CA PRO B 40 -12.19 37.07 -6.27
C PRO B 40 -12.01 38.31 -7.13
N MET B 41 -12.82 39.33 -6.86
CA MET B 41 -12.78 40.57 -7.64
C MET B 41 -12.45 41.76 -6.76
N GLY B 42 -12.14 42.90 -7.39
CA GLY B 42 -11.79 44.11 -6.68
C GLY B 42 -10.61 43.92 -5.75
N PRO B 43 -10.80 44.21 -4.47
CA PRO B 43 -9.72 44.02 -3.48
C PRO B 43 -9.35 42.55 -3.33
N ARG B 44 -10.18 41.64 -3.80
CA ARG B 44 -9.87 40.20 -3.72
C ARG B 44 -8.98 39.65 -4.84
N ARG B 45 -8.79 40.42 -5.92
CA ARG B 45 -7.88 40.02 -7.00
C ARG B 45 -6.45 39.75 -6.48
N PHE B 46 -5.85 38.65 -6.92
CA PHE B 46 -4.51 38.21 -6.47
C PHE B 46 -4.50 37.56 -5.08
N LEU B 47 -5.63 37.59 -4.39
CA LEU B 47 -5.68 37.02 -3.04
C LEU B 47 -6.16 35.56 -3.06
N PRO B 48 -5.74 34.79 -2.05
CA PRO B 48 -6.21 33.41 -1.87
C PRO B 48 -7.73 33.37 -1.84
N PRO B 49 -8.34 32.30 -2.34
CA PRO B 49 -9.81 32.27 -2.41
C PRO B 49 -10.43 32.15 -1.02
N GLU B 50 -11.60 32.77 -0.81
CA GLU B 50 -12.29 32.58 0.45
C GLU B 50 -13.49 31.68 0.21
N PRO B 51 -13.80 30.80 1.18
CA PRO B 51 -14.92 29.87 1.04
C PRO B 51 -16.23 30.62 0.77
N LYS B 52 -17.09 30.05 -0.08
CA LYS B 52 -18.36 30.70 -0.41
C LYS B 52 -19.24 30.76 0.82
N GLN B 53 -19.75 31.95 1.12
N GLN B 53 -19.76 31.95 1.12
CA GLN B 53 -20.68 32.11 2.25
CA GLN B 53 -20.68 32.10 2.25
C GLN B 53 -22.01 31.44 1.91
C GLN B 53 -22.02 31.46 1.92
N PRO B 54 -22.66 30.86 2.93
CA PRO B 54 -23.97 30.21 2.75
C PRO B 54 -24.99 31.17 2.14
N TRP B 55 -25.90 30.62 1.36
CA TRP B 55 -26.93 31.42 0.69
C TRP B 55 -28.30 30.90 1.10
N SER B 56 -29.31 31.75 1.01
CA SER B 56 -30.68 31.31 1.18
C SER B 56 -31.27 31.06 -0.21
N GLY B 57 -32.37 30.30 -0.26
CA GLY B 57 -33.00 30.00 -1.54
C GLY B 57 -32.22 28.96 -2.33
N VAL B 58 -32.54 28.86 -3.62
CA VAL B 58 -32.01 27.78 -4.46
C VAL B 58 -31.11 28.32 -5.58
N VAL B 59 -29.82 27.96 -5.51
CA VAL B 59 -28.89 28.30 -6.57
C VAL B 59 -29.23 27.46 -7.80
N ASP B 60 -29.38 28.12 -8.93
CA ASP B 60 -29.63 27.46 -10.19
C ASP B 60 -28.32 26.86 -10.70
N ALA B 61 -28.23 25.54 -10.71
CA ALA B 61 -27.03 24.85 -11.20
C ALA B 61 -27.34 24.06 -12.48
N THR B 62 -27.98 24.71 -13.44
CA THR B 62 -28.37 24.01 -14.67
C THR B 62 -27.55 24.45 -15.87
N THR B 63 -26.64 25.40 -15.66
CA THR B 63 -25.79 25.87 -16.75
C THR B 63 -24.37 26.17 -16.30
N PHE B 64 -23.42 26.09 -17.23
CA PHE B 64 -22.05 26.45 -16.92
C PHE B 64 -21.94 27.93 -16.57
N GLN B 65 -21.05 28.23 -15.64
CA GLN B 65 -20.80 29.59 -15.26
C GLN B 65 -19.69 30.19 -16.11
N SER B 66 -19.36 31.45 -15.87
CA SER B 66 -18.35 32.18 -16.62
C SER B 66 -16.95 31.55 -16.61
N VAL B 67 -16.17 31.87 -17.64
CA VAL B 67 -14.80 31.39 -17.77
C VAL B 67 -13.90 32.43 -17.13
N CYS B 68 -12.85 31.97 -16.46
CA CYS B 68 -11.93 32.90 -15.82
C CYS B 68 -11.26 33.75 -16.87
N TYR B 69 -11.12 35.03 -16.58
CA TYR B 69 -10.46 35.95 -17.49
C TYR B 69 -9.14 35.41 -18.04
N GLN B 70 -9.02 35.41 -19.37
CA GLN B 70 -7.85 34.80 -19.99
C GLN B 70 -7.66 35.24 -21.43
N TYR B 71 -6.42 35.12 -21.89
CA TYR B 71 -6.05 35.33 -23.27
C TYR B 71 -6.86 34.40 -24.18
N VAL B 72 -7.35 34.92 -25.30
CA VAL B 72 -8.04 34.09 -26.29
C VAL B 72 -7.14 33.91 -27.53
N ASP B 73 -6.82 32.67 -27.86
CA ASP B 73 -5.96 32.38 -29.01
C ASP B 73 -6.55 32.92 -30.33
N THR B 74 -5.75 33.63 -31.12
CA THR B 74 -6.21 34.17 -32.41
C THR B 74 -5.31 33.77 -33.58
N LEU B 75 -4.45 32.78 -33.36
CA LEU B 75 -3.51 32.33 -34.39
C LEU B 75 -4.24 31.90 -35.68
N TYR B 76 -5.30 31.11 -35.52
CA TYR B 76 -6.09 30.68 -36.66
C TYR B 76 -7.58 30.88 -36.41
N PRO B 77 -8.05 32.11 -36.62
CA PRO B 77 -9.45 32.49 -36.36
C PRO B 77 -10.44 31.58 -37.10
N GLY B 78 -11.37 30.96 -36.39
CA GLY B 78 -12.37 30.11 -37.01
C GLY B 78 -11.99 28.64 -37.18
N PHE B 79 -10.71 28.34 -36.98
CA PHE B 79 -10.20 26.97 -37.06
C PHE B 79 -10.64 26.16 -35.85
N GLU B 80 -11.26 25.00 -36.08
CA GLU B 80 -11.71 24.15 -34.98
C GLU B 80 -10.56 23.65 -34.10
N GLY B 81 -9.40 23.41 -34.73
CA GLY B 81 -8.24 22.96 -33.99
C GLY B 81 -7.90 23.85 -32.81
N THR B 82 -8.10 25.15 -32.97
CA THR B 82 -7.83 26.10 -31.90
C THR B 82 -9.09 26.50 -31.15
N GLU B 83 -10.18 26.69 -31.88
CA GLU B 83 -11.42 27.17 -31.27
C GLU B 83 -11.97 26.23 -30.19
N MET B 84 -11.71 24.94 -30.32
CA MET B 84 -12.19 23.97 -29.32
C MET B 84 -11.58 24.20 -27.93
N TRP B 85 -10.48 24.95 -27.87
CA TRP B 85 -9.82 25.24 -26.59
C TRP B 85 -10.13 26.64 -26.09
N ASN B 86 -10.81 27.44 -26.91
CA ASN B 86 -11.18 28.78 -26.49
C ASN B 86 -12.41 28.82 -25.60
N PRO B 87 -12.50 29.87 -24.78
CA PRO B 87 -13.66 30.10 -23.90
C PRO B 87 -14.95 29.97 -24.68
N ASN B 88 -15.90 29.19 -24.15
CA ASN B 88 -17.21 29.06 -24.78
C ASN B 88 -18.28 29.64 -23.86
N ARG B 89 -17.85 30.45 -22.90
CA ARG B 89 -18.76 31.25 -22.07
C ARG B 89 -18.07 32.59 -21.87
N GLU B 90 -18.84 33.61 -21.51
CA GLU B 90 -18.29 34.93 -21.26
C GLU B 90 -17.18 34.88 -20.20
N LEU B 91 -16.19 35.75 -20.38
CA LEU B 91 -15.10 35.89 -19.44
C LEU B 91 -15.55 36.71 -18.22
N SER B 92 -15.01 36.38 -17.05
CA SER B 92 -15.29 37.17 -15.85
C SER B 92 -14.29 36.81 -14.77
N GLU B 93 -14.06 37.73 -13.82
CA GLU B 93 -13.23 37.39 -12.68
C GLU B 93 -14.06 36.65 -11.63
N ASP B 94 -15.39 36.69 -11.81
CA ASP B 94 -16.31 35.92 -10.98
C ASP B 94 -16.49 34.54 -11.65
N CYS B 95 -15.52 33.66 -11.47
CA CYS B 95 -15.46 32.43 -12.27
C CYS B 95 -15.24 31.19 -11.42
N LEU B 96 -15.23 31.36 -10.10
CA LEU B 96 -14.91 30.26 -9.19
C LEU B 96 -16.14 29.39 -8.91
N TYR B 97 -16.49 28.56 -9.91
CA TYR B 97 -17.59 27.62 -9.79
C TYR B 97 -17.06 26.25 -10.13
N LEU B 98 -17.77 25.23 -9.68
CA LEU B 98 -17.39 23.85 -10.03
C LEU B 98 -18.63 23.08 -10.50
N ASN B 99 -18.40 21.92 -11.10
CA ASN B 99 -19.47 21.17 -11.72
C ASN B 99 -19.41 19.72 -11.26
N VAL B 100 -20.59 19.16 -10.96
CA VAL B 100 -20.68 17.77 -10.53
C VAL B 100 -21.60 17.01 -11.47
N TRP B 101 -21.13 15.87 -11.96
CA TRP B 101 -21.97 14.98 -12.76
C TRP B 101 -22.10 13.72 -11.94
N THR B 102 -23.28 13.12 -11.97
CA THR B 102 -23.54 11.92 -11.20
C THR B 102 -24.56 11.06 -11.95
N PRO B 103 -24.54 9.74 -11.71
CA PRO B 103 -25.51 8.84 -12.33
C PRO B 103 -26.95 9.19 -11.94
N TYR B 104 -27.89 8.84 -12.80
CA TYR B 104 -29.32 9.03 -12.53
C TYR B 104 -29.99 7.66 -12.55
N PRO B 105 -30.69 7.32 -11.46
CA PRO B 105 -30.84 8.23 -10.33
C PRO B 105 -29.58 8.23 -9.46
N ARG B 106 -29.45 9.24 -8.61
CA ARG B 106 -28.29 9.41 -7.73
C ARG B 106 -27.91 8.11 -7.02
N PRO B 107 -26.61 7.79 -7.03
CA PRO B 107 -26.11 6.57 -6.42
C PRO B 107 -26.41 6.55 -4.93
N THR B 108 -27.19 5.56 -4.50
CA THR B 108 -27.57 5.48 -3.09
C THR B 108 -26.39 5.06 -2.22
N SER B 109 -25.34 4.53 -2.84
CA SER B 109 -24.14 4.10 -2.11
C SER B 109 -22.88 4.78 -2.62
N PRO B 110 -21.87 4.96 -1.74
CA PRO B 110 -20.62 5.69 -2.04
C PRO B 110 -19.95 5.21 -3.34
N THR B 111 -19.67 6.17 -4.20
CA THR B 111 -19.17 5.91 -5.54
C THR B 111 -17.82 6.63 -5.67
N PRO B 112 -16.83 5.99 -6.33
CA PRO B 112 -15.54 6.63 -6.61
C PRO B 112 -15.73 7.99 -7.29
N VAL B 113 -14.88 8.93 -6.95
CA VAL B 113 -14.98 10.29 -7.48
C VAL B 113 -13.76 10.65 -8.35
N LEU B 114 -14.01 11.09 -9.57
CA LEU B 114 -12.95 11.64 -10.42
C LEU B 114 -13.02 13.16 -10.44
N VAL B 115 -11.90 13.81 -10.17
CA VAL B 115 -11.85 15.27 -10.21
C VAL B 115 -10.92 15.68 -11.32
N TRP B 116 -11.46 16.44 -12.26
CA TRP B 116 -10.73 16.86 -13.45
C TRP B 116 -10.17 18.28 -13.27
N ILE B 117 -8.90 18.47 -13.61
CA ILE B 117 -8.26 19.77 -13.58
C ILE B 117 -7.76 20.07 -14.99
N TYR B 118 -8.43 20.98 -15.70
CA TYR B 118 -8.04 21.28 -17.09
C TYR B 118 -6.65 21.91 -17.18
N GLY B 119 -6.05 21.75 -18.36
CA GLY B 119 -4.77 22.36 -18.70
C GLY B 119 -5.03 23.61 -19.51
N GLY B 120 -3.96 24.21 -20.03
CA GLY B 120 -4.04 25.50 -20.70
C GLY B 120 -2.89 26.42 -20.27
N GLY B 121 -1.75 25.81 -19.98
CA GLY B 121 -0.51 26.53 -19.71
C GLY B 121 -0.59 27.46 -18.51
N PHE B 122 -1.56 27.24 -17.63
CA PHE B 122 -1.84 28.14 -16.50
C PHE B 122 -2.24 29.53 -16.97
N TYR B 123 -2.47 29.72 -18.27
CA TYR B 123 -2.95 31.03 -18.77
C TYR B 123 -4.34 30.98 -19.40
N SER B 124 -4.89 29.78 -19.53
CA SER B 124 -6.19 29.59 -20.16
C SER B 124 -6.84 28.30 -19.71
N GLY B 125 -8.03 28.04 -20.22
CA GLY B 125 -8.75 26.82 -19.92
C GLY B 125 -10.09 27.10 -19.28
N ALA B 126 -10.98 26.12 -19.28
CA ALA B 126 -12.29 26.26 -18.65
C ALA B 126 -12.89 24.90 -18.50
N SER B 127 -13.68 24.72 -17.44
CA SER B 127 -14.31 23.42 -17.21
C SER B 127 -15.53 23.23 -18.12
N SER B 128 -15.93 24.26 -18.85
CA SER B 128 -17.16 24.18 -19.65
C SER B 128 -16.94 23.78 -21.11
N LEU B 129 -15.68 23.59 -21.51
CA LEU B 129 -15.38 23.17 -22.88
C LEU B 129 -16.09 21.86 -23.21
N ASP B 130 -16.64 21.80 -24.41
CA ASP B 130 -17.29 20.61 -24.94
C ASP B 130 -16.47 19.36 -24.70
N VAL B 131 -15.19 19.46 -25.02
CA VAL B 131 -14.29 18.33 -24.89
C VAL B 131 -14.19 17.79 -23.45
N TYR B 132 -14.63 18.54 -22.46
CA TYR B 132 -14.62 18.05 -21.08
C TYR B 132 -16.00 17.68 -20.54
N ASP B 133 -16.95 17.47 -21.44
CA ASP B 133 -18.31 17.10 -21.02
C ASP B 133 -18.28 15.77 -20.26
N GLY B 134 -18.66 15.78 -18.99
CA GLY B 134 -18.50 14.62 -18.14
C GLY B 134 -19.56 13.56 -18.29
N ARG B 135 -20.59 13.82 -19.10
CA ARG B 135 -21.77 12.96 -19.10
C ARG B 135 -21.52 11.52 -19.54
N PHE B 136 -20.56 11.29 -20.41
CA PHE B 136 -20.39 9.96 -20.99
C PHE B 136 -19.65 9.05 -20.04
N LEU B 137 -18.63 9.62 -19.39
CA LEU B 137 -17.83 8.92 -18.40
C LEU B 137 -18.72 8.46 -17.25
N VAL B 138 -19.58 9.37 -16.80
CA VAL B 138 -20.41 9.09 -15.64
C VAL B 138 -21.44 8.03 -15.97
N GLN B 139 -22.02 8.07 -17.16
CA GLN B 139 -23.02 7.08 -17.55
C GLN B 139 -22.38 5.70 -17.71
N ALA B 140 -21.30 5.65 -18.48
CA ALA B 140 -20.66 4.38 -18.81
C ALA B 140 -19.97 3.74 -17.61
N GLU B 141 -19.30 4.55 -16.78
CA GLU B 141 -18.48 3.99 -15.72
C GLU B 141 -19.01 4.22 -14.31
N ARG B 142 -20.16 4.87 -14.21
CA ARG B 142 -20.87 5.09 -12.95
C ARG B 142 -20.00 5.60 -11.81
N THR B 143 -19.21 6.61 -12.12
CA THR B 143 -18.47 7.34 -11.11
C THR B 143 -19.15 8.69 -10.94
N VAL B 144 -18.79 9.40 -9.87
CA VAL B 144 -19.10 10.81 -9.78
C VAL B 144 -17.92 11.56 -10.40
N LEU B 145 -18.23 12.62 -11.16
CA LEU B 145 -17.20 13.43 -11.84
C LEU B 145 -17.37 14.88 -11.42
N VAL B 146 -16.25 15.49 -11.03
CA VAL B 146 -16.23 16.88 -10.60
C VAL B 146 -15.16 17.63 -11.41
N SER B 147 -15.47 18.86 -11.82
CA SER B 147 -14.45 19.69 -12.43
C SER B 147 -14.65 21.09 -11.87
N MET B 148 -13.56 21.84 -11.76
CA MET B 148 -13.65 23.20 -11.25
C MET B 148 -12.97 24.19 -12.17
N ASN B 149 -13.39 25.46 -12.08
CA ASN B 149 -12.63 26.54 -12.68
C ASN B 149 -11.60 27.03 -11.67
N TYR B 150 -10.43 27.42 -12.14
CA TYR B 150 -9.46 28.06 -11.28
C TYR B 150 -8.85 29.24 -12.01
N ARG B 151 -8.45 30.25 -11.26
CA ARG B 151 -7.89 31.46 -11.88
C ARG B 151 -6.60 31.15 -12.65
N VAL B 152 -6.46 31.77 -13.82
CA VAL B 152 -5.25 31.57 -14.61
C VAL B 152 -4.62 32.91 -14.93
N GLY B 153 -3.47 32.88 -15.63
CA GLY B 153 -2.79 34.09 -16.01
C GLY B 153 -2.32 34.85 -14.78
N ALA B 154 -2.16 36.16 -14.92
CA ALA B 154 -1.84 37.02 -13.79
C ALA B 154 -2.82 36.82 -12.63
N PHE B 155 -4.10 36.58 -12.94
CA PHE B 155 -5.14 36.49 -11.90
C PHE B 155 -4.91 35.33 -10.96
N GLY B 156 -4.30 34.27 -11.48
CA GLY B 156 -4.04 33.10 -10.68
C GLY B 156 -2.60 32.97 -10.22
N PHE B 157 -1.67 33.63 -10.92
CA PHE B 157 -0.25 33.30 -10.67
C PHE B 157 0.73 34.45 -10.63
N LEU B 158 0.25 35.69 -10.76
CA LEU B 158 1.11 36.83 -10.51
C LEU B 158 1.60 36.77 -9.06
N ALA B 159 2.90 36.85 -8.87
CA ALA B 159 3.47 36.75 -7.52
C ALA B 159 4.46 37.86 -7.25
N LEU B 160 4.26 38.58 -6.14
CA LEU B 160 5.32 39.38 -5.54
C LEU B 160 5.67 38.62 -4.25
N PRO B 161 6.62 37.68 -4.34
CA PRO B 161 6.85 36.73 -3.24
C PRO B 161 7.23 37.42 -1.95
N GLY B 162 6.66 36.96 -0.83
CA GLY B 162 6.85 37.61 0.45
C GLY B 162 5.76 38.60 0.80
N SER B 163 5.05 39.11 -0.21
CA SER B 163 3.98 40.08 0.01
C SER B 163 2.67 39.37 0.36
N ARG B 164 1.82 40.07 1.11
CA ARG B 164 0.50 39.55 1.44
C ARG B 164 -0.53 39.95 0.39
N GLU B 165 -0.17 40.91 -0.47
CA GLU B 165 -1.11 41.42 -1.47
C GLU B 165 -1.11 40.58 -2.74
N ALA B 166 0.00 39.90 -3.00
CA ALA B 166 0.12 39.05 -4.19
C ALA B 166 1.09 37.91 -3.89
N PRO B 167 0.65 36.96 -3.06
CA PRO B 167 1.46 35.85 -2.52
C PRO B 167 1.77 34.80 -3.58
N GLY B 168 0.98 34.76 -4.64
CA GLY B 168 1.23 33.82 -5.73
C GLY B 168 0.60 32.46 -5.47
N ASN B 169 0.41 31.68 -6.54
CA ASN B 169 -0.15 30.33 -6.45
C ASN B 169 -1.63 30.27 -6.10
N VAL B 170 -2.35 31.38 -6.21
CA VAL B 170 -3.75 31.40 -5.79
C VAL B 170 -4.65 30.51 -6.67
N GLY B 171 -4.30 30.39 -7.94
CA GLY B 171 -4.98 29.44 -8.79
C GLY B 171 -4.89 28.02 -8.24
N LEU B 172 -3.73 27.68 -7.70
CA LEU B 172 -3.54 26.36 -7.09
C LEU B 172 -4.41 26.25 -5.83
N LEU B 173 -4.55 27.35 -5.11
CA LEU B 173 -5.36 27.35 -3.89
C LEU B 173 -6.83 27.29 -4.31
N ASP B 174 -7.17 27.81 -5.50
CA ASP B 174 -8.53 27.68 -6.01
C ASP B 174 -8.82 26.20 -6.16
N GLN B 175 -7.89 25.48 -6.79
CA GLN B 175 -8.01 24.03 -6.93
C GLN B 175 -8.12 23.32 -5.57
N ARG B 176 -7.31 23.74 -4.61
CA ARG B 176 -7.32 23.11 -3.28
C ARG B 176 -8.65 23.33 -2.59
N LEU B 177 -9.17 24.56 -2.70
CA LEU B 177 -10.50 24.90 -2.18
C LEU B 177 -11.57 24.00 -2.80
N ALA B 178 -11.54 23.82 -4.13
CA ALA B 178 -12.50 22.93 -4.77
C ALA B 178 -12.40 21.51 -4.21
N LEU B 179 -11.17 21.04 -4.00
CA LEU B 179 -10.93 19.72 -3.42
C LEU B 179 -11.45 19.59 -1.99
N GLN B 180 -11.31 20.64 -1.20
CA GLN B 180 -11.87 20.63 0.15
C GLN B 180 -13.39 20.61 0.04
N TRP B 181 -13.92 21.32 -0.95
CA TRP B 181 -15.35 21.38 -1.15
C TRP B 181 -15.87 19.97 -1.38
N VAL B 182 -15.13 19.22 -2.20
CA VAL B 182 -15.48 17.84 -2.52
C VAL B 182 -15.48 16.96 -1.28
N GLN B 183 -14.47 17.15 -0.43
CA GLN B 183 -14.43 16.43 0.84
C GLN B 183 -15.69 16.69 1.65
N GLU B 184 -16.12 17.95 1.68
CA GLU B 184 -17.25 18.30 2.53
C GLU B 184 -18.61 17.96 1.93
N ASN B 185 -18.73 17.97 0.61
CA ASN B 185 -20.06 17.92 -0.03
C ASN B 185 -20.35 16.78 -0.98
N VAL B 186 -19.32 16.05 -1.40
CA VAL B 186 -19.54 15.13 -2.51
C VAL B 186 -20.42 13.93 -2.12
N ALA B 187 -20.45 13.57 -0.85
CA ALA B 187 -21.31 12.48 -0.39
C ALA B 187 -22.78 12.82 -0.68
N ALA B 188 -23.09 14.11 -0.71
CA ALA B 188 -24.47 14.55 -0.95
C ALA B 188 -24.91 14.26 -2.37
N PHE B 189 -23.97 13.89 -3.23
CA PHE B 189 -24.27 13.45 -4.60
C PHE B 189 -23.99 11.96 -4.76
N GLY B 190 -23.71 11.28 -3.66
CA GLY B 190 -23.46 9.84 -3.71
C GLY B 190 -22.00 9.47 -3.97
N GLY B 191 -21.12 10.45 -3.85
CA GLY B 191 -19.70 10.18 -4.05
C GLY B 191 -19.01 9.85 -2.75
N ASP B 192 -17.95 9.05 -2.83
CA ASP B 192 -17.13 8.70 -1.68
C ASP B 192 -15.88 9.60 -1.59
N PRO B 193 -15.83 10.46 -0.57
CA PRO B 193 -14.72 11.41 -0.37
C PRO B 193 -13.41 10.70 -0.04
N THR B 194 -13.49 9.48 0.52
CA THR B 194 -12.29 8.67 0.75
C THR B 194 -11.74 7.99 -0.53
N SER B 195 -12.43 8.15 -1.65
CA SER B 195 -11.96 7.53 -2.89
C SER B 195 -11.94 8.52 -4.05
N VAL B 196 -11.15 9.58 -3.89
CA VAL B 196 -11.02 10.61 -4.90
C VAL B 196 -9.78 10.38 -5.76
N THR B 197 -9.98 10.29 -7.07
CA THR B 197 -8.88 10.28 -8.04
C THR B 197 -8.80 11.64 -8.75
N LEU B 198 -7.63 12.26 -8.72
CA LEU B 198 -7.37 13.49 -9.45
C LEU B 198 -6.82 13.15 -10.84
N PHE B 199 -7.35 13.79 -11.87
CA PHE B 199 -6.73 13.69 -13.16
C PHE B 199 -6.76 15.01 -13.90
N GLY B 200 -5.78 15.21 -14.78
CA GLY B 200 -5.62 16.47 -15.48
C GLY B 200 -4.63 16.30 -16.60
N GLU B 201 -4.63 17.24 -17.53
CA GLU B 201 -3.79 17.14 -18.71
C GLU B 201 -2.95 18.43 -18.84
N SGB B 202 -1.69 18.31 -19.27
CA SGB B 202 -0.79 19.49 -19.47
C SGB B 202 -0.58 20.28 -18.15
O SGB B 202 -0.07 19.72 -17.19
CB SGB B 202 -1.38 20.32 -20.59
OG SGB B 202 -0.41 21.08 -21.32
O1 SGB B 202 -1.32 23.26 -20.34
P1 SGB B 202 -0.66 22.66 -21.56
C1 SGB B 202 0.97 23.29 -21.90
O2 SGB B 202 -1.54 22.79 -22.88
C2 SGB B 202 -1.09 23.69 -23.89
C4 SGB B 202 -1.21 25.11 -23.36
C3 SGB B 202 -1.93 23.45 -25.14
N ALA B 203 -0.95 21.56 -18.10
CA ALA B 203 -0.91 22.29 -16.83
C ALA B 203 -1.83 21.64 -15.79
N GLY B 204 -2.84 20.93 -16.28
CA GLY B 204 -3.69 20.14 -15.39
C GLY B 204 -2.90 19.04 -14.69
N ALA B 205 -2.17 18.26 -15.48
CA ALA B 205 -1.29 17.23 -14.94
C ALA B 205 -0.24 17.85 -14.00
N ALA B 206 0.31 18.99 -14.37
CA ALA B 206 1.30 19.65 -13.53
C ALA B 206 0.66 20.02 -12.19
N SER B 207 -0.58 20.49 -12.24
CA SER B 207 -1.31 20.84 -11.02
C SER B 207 -1.50 19.61 -10.16
N VAL B 208 -1.94 18.52 -10.76
CA VAL B 208 -2.11 17.28 -10.00
C VAL B 208 -0.81 16.93 -9.26
N GLY B 209 0.30 16.97 -9.99
CA GLY B 209 1.60 16.67 -9.43
C GLY B 209 1.95 17.56 -8.27
N MET B 210 1.56 18.83 -8.35
CA MET B 210 1.85 19.76 -7.28
C MET B 210 1.02 19.51 -6.03
N HIS B 211 -0.24 19.12 -6.21
CA HIS B 211 -1.05 18.66 -5.08
C HIS B 211 -0.47 17.40 -4.42
N LEU B 212 0.12 16.51 -5.23
CA LEU B 212 0.80 15.31 -4.72
C LEU B 212 1.97 15.70 -3.82
N LEU B 213 2.67 16.78 -4.18
CA LEU B 213 3.86 17.20 -3.46
C LEU B 213 3.60 18.26 -2.37
N SER B 214 2.33 18.65 -2.18
CA SER B 214 1.97 19.64 -1.15
C SER B 214 1.08 19.01 -0.07
N PRO B 215 1.63 18.83 1.15
CA PRO B 215 0.91 18.04 2.16
C PRO B 215 -0.53 18.50 2.52
N PRO B 216 -0.81 19.80 2.53
CA PRO B 216 -2.21 20.21 2.77
C PRO B 216 -3.16 19.73 1.66
N SER B 217 -2.66 19.60 0.42
CA SER B 217 -3.47 19.06 -0.68
C SER B 217 -3.54 17.53 -0.66
N ARG B 218 -2.45 16.91 -0.24
CA ARG B 218 -2.28 15.46 -0.33
C ARG B 218 -3.32 14.70 0.49
N GLY B 219 -3.81 15.31 1.56
CA GLY B 219 -4.86 14.70 2.35
C GLY B 219 -6.23 14.74 1.68
N LEU B 220 -6.34 15.44 0.55
CA LEU B 220 -7.64 15.66 -0.09
C LEU B 220 -8.00 14.68 -1.21
N PHE B 221 -7.12 13.73 -1.49
CA PHE B 221 -7.40 12.78 -2.56
C PHE B 221 -6.55 11.52 -2.43
N HIS B 222 -6.91 10.49 -3.18
CA HIS B 222 -6.28 9.18 -3.03
C HIS B 222 -5.33 8.80 -4.17
N ARG B 223 -5.79 8.91 -5.41
CA ARG B 223 -4.99 8.52 -6.58
C ARG B 223 -4.87 9.68 -7.53
N ALA B 224 -3.97 9.53 -8.51
CA ALA B 224 -3.65 10.61 -9.45
C ALA B 224 -3.41 10.09 -10.87
N VAL B 225 -3.84 10.88 -11.85
CA VAL B 225 -3.61 10.59 -13.25
C VAL B 225 -3.04 11.84 -13.85
N LEU B 226 -1.86 11.75 -14.44
CA LEU B 226 -1.22 12.90 -15.06
C LEU B 226 -1.04 12.63 -16.54
N GLN B 227 -1.73 13.39 -17.38
CA GLN B 227 -1.74 13.13 -18.81
C GLN B 227 -0.96 14.23 -19.51
N SER B 228 0.17 13.84 -20.12
CA SER B 228 0.98 14.74 -20.95
C SER B 228 1.41 15.97 -20.18
N GLY B 229 1.91 15.76 -18.96
CA GLY B 229 2.32 16.88 -18.12
C GLY B 229 2.89 16.43 -16.79
N ALA B 230 3.64 17.32 -16.15
CA ALA B 230 4.27 16.98 -14.89
C ALA B 230 4.68 18.26 -14.17
N PRO B 231 4.76 18.22 -12.83
CA PRO B 231 5.09 19.43 -12.08
C PRO B 231 6.56 19.77 -12.22
N ASN B 232 7.39 18.80 -12.63
CA ASN B 232 8.81 19.04 -12.90
C ASN B 232 9.18 19.55 -14.31
N GLY B 233 8.21 19.78 -15.19
CA GLY B 233 8.56 20.49 -16.44
C GLY B 233 9.41 21.76 -16.26
N PRO B 234 10.13 22.18 -17.32
CA PRO B 234 10.85 23.47 -17.31
C PRO B 234 9.91 24.68 -17.53
N TRP B 235 8.61 24.45 -17.65
CA TRP B 235 7.64 25.52 -17.89
C TRP B 235 6.64 25.67 -16.73
N ALA B 236 6.53 24.64 -15.89
CA ALA B 236 5.43 24.55 -14.91
C ALA B 236 5.68 25.38 -13.64
N THR B 237 6.95 25.72 -13.40
CA THR B 237 7.29 26.52 -12.23
C THR B 237 8.25 27.63 -12.60
N VAL B 238 8.27 28.67 -11.76
CA VAL B 238 9.20 29.78 -11.92
C VAL B 238 9.78 30.08 -10.52
N GLY B 239 11.02 30.59 -10.46
CA GLY B 239 11.64 30.93 -9.19
C GLY B 239 11.15 32.28 -8.67
N MET B 240 11.41 32.59 -7.39
CA MET B 240 10.89 33.82 -6.81
C MET B 240 11.38 35.08 -7.54
N GLY B 241 12.67 35.11 -7.86
CA GLY B 241 13.25 36.26 -8.54
C GLY B 241 12.59 36.54 -9.87
N GLU B 242 12.46 35.51 -10.71
CA GLU B 242 11.88 35.68 -12.04
C GLU B 242 10.40 36.03 -11.92
N ALA B 243 9.72 35.45 -10.93
CA ALA B 243 8.31 35.77 -10.71
C ALA B 243 8.15 37.25 -10.39
N ARG B 244 8.97 37.73 -9.44
CA ARG B 244 8.99 39.15 -9.10
C ARG B 244 9.31 40.01 -10.31
N ARG B 245 10.28 39.59 -11.11
CA ARG B 245 10.61 40.39 -12.28
C ARG B 245 9.42 40.50 -13.22
N ARG B 246 8.73 39.39 -13.44
CA ARG B 246 7.59 39.38 -14.37
C ARG B 246 6.41 40.21 -13.87
N ALA B 247 6.09 40.09 -12.58
CA ALA B 247 5.01 40.87 -11.98
C ALA B 247 5.32 42.36 -12.11
N THR B 248 6.56 42.73 -11.81
CA THR B 248 6.96 44.12 -11.87
C THR B 248 6.87 44.66 -13.28
N GLN B 249 7.35 43.89 -14.25
N GLN B 249 7.35 43.88 -14.24
CA GLN B 249 7.29 44.33 -15.64
CA GLN B 249 7.31 44.27 -15.65
C GLN B 249 5.84 44.44 -16.12
C GLN B 249 5.86 44.40 -16.15
N LEU B 250 4.97 43.54 -15.68
CA LEU B 250 3.55 43.64 -16.05
C LEU B 250 2.99 44.96 -15.54
N ALA B 251 3.27 45.25 -14.28
CA ALA B 251 2.83 46.51 -13.68
C ALA B 251 3.29 47.70 -14.53
N HIS B 252 4.58 47.73 -14.86
CA HIS B 252 5.14 48.80 -15.69
C HIS B 252 4.41 48.96 -17.03
N LEU B 253 4.17 47.85 -17.73
CA LEU B 253 3.49 47.85 -19.02
C LEU B 253 2.06 48.36 -18.97
N VAL B 254 1.39 48.20 -17.84
CA VAL B 254 0.01 48.69 -17.74
C VAL B 254 -0.07 50.05 -17.06
N GLY B 255 1.07 50.72 -16.93
CA GLY B 255 1.12 52.08 -16.42
C GLY B 255 1.07 52.21 -14.90
N CYS B 256 1.60 51.22 -14.19
CA CYS B 256 1.67 51.22 -12.73
C CYS B 256 3.11 51.37 -12.28
N PRO B 257 3.32 52.12 -11.18
CA PRO B 257 4.68 52.26 -10.63
C PRO B 257 5.15 50.97 -9.96
N ASN B 264 7.43 49.63 -4.00
CA ASN B 264 6.59 49.19 -2.90
C ASN B 264 5.53 48.20 -3.40
N ASP B 265 5.59 46.96 -2.91
CA ASP B 265 4.67 45.91 -3.34
C ASP B 265 3.21 46.29 -3.13
N THR B 266 2.91 46.88 -1.98
CA THR B 266 1.55 47.30 -1.66
C THR B 266 1.00 48.27 -2.72
N GLU B 267 1.75 49.31 -3.05
CA GLU B 267 1.33 50.31 -4.04
C GLU B 267 1.19 49.68 -5.42
N LEU B 268 2.17 48.86 -5.76
CA LEU B 268 2.17 48.18 -7.05
C LEU B 268 0.92 47.32 -7.25
N VAL B 269 0.58 46.52 -6.25
CA VAL B 269 -0.60 45.66 -6.38
C VAL B 269 -1.90 46.48 -6.36
N ALA B 270 -1.94 47.53 -5.56
CA ALA B 270 -3.12 48.38 -5.50
C ALA B 270 -3.39 49.01 -6.87
N CYS B 271 -2.32 49.46 -7.55
CA CYS B 271 -2.49 50.00 -8.89
C CYS B 271 -2.96 48.92 -9.88
N LEU B 272 -2.30 47.75 -9.88
CA LEU B 272 -2.77 46.63 -10.68
C LEU B 272 -4.25 46.33 -10.45
N ARG B 273 -4.70 46.43 -9.21
CA ARG B 273 -6.09 46.10 -8.89
C ARG B 273 -7.08 47.07 -9.53
N THR B 274 -6.63 48.29 -9.85
CA THR B 274 -7.52 49.26 -10.49
C THR B 274 -7.70 48.98 -11.99
N ARG B 275 -6.91 48.07 -12.54
CA ARG B 275 -6.92 47.86 -13.99
C ARG B 275 -7.99 46.86 -14.45
N PRO B 276 -8.76 47.21 -15.49
CA PRO B 276 -9.69 46.24 -16.08
C PRO B 276 -8.96 44.94 -16.39
N ALA B 277 -9.60 43.81 -16.11
CA ALA B 277 -8.97 42.51 -16.34
C ALA B 277 -8.40 42.37 -17.74
N GLN B 278 -9.12 42.85 -18.74
CA GLN B 278 -8.67 42.68 -20.12
C GLN B 278 -7.31 43.37 -20.36
N VAL B 279 -7.02 44.40 -19.58
CA VAL B 279 -5.78 45.14 -19.75
C VAL B 279 -4.56 44.32 -19.32
N LEU B 280 -4.68 43.55 -18.24
CA LEU B 280 -3.59 42.68 -17.83
C LEU B 280 -3.36 41.60 -18.89
N VAL B 281 -4.44 40.95 -19.29
CA VAL B 281 -4.40 39.95 -20.36
C VAL B 281 -3.67 40.44 -21.62
N ASN B 282 -3.98 41.65 -22.06
CA ASN B 282 -3.37 42.21 -23.27
C ASN B 282 -1.85 42.33 -23.23
N HIS B 283 -1.26 42.29 -22.04
CA HIS B 283 0.19 42.46 -21.92
C HIS B 283 0.92 41.24 -21.34
N GLU B 284 0.16 40.24 -20.92
CA GLU B 284 0.71 39.03 -20.29
C GLU B 284 1.88 38.39 -21.04
N TRP B 285 1.77 38.30 -22.36
CA TRP B 285 2.80 37.60 -23.13
C TRP B 285 4.13 38.34 -23.17
N HIS B 286 4.06 39.65 -23.01
CA HIS B 286 5.24 40.50 -23.20
C HIS B 286 6.23 40.48 -22.04
N VAL B 287 5.89 39.80 -20.94
CA VAL B 287 6.82 39.75 -19.81
C VAL B 287 7.80 38.57 -19.85
N LEU B 288 7.62 37.68 -20.82
CA LEU B 288 8.58 36.60 -21.02
C LEU B 288 9.93 37.18 -21.45
N PRO B 289 11.02 36.62 -20.91
CA PRO B 289 12.39 37.06 -21.17
C PRO B 289 12.83 36.88 -22.62
N GLN B 290 12.20 35.99 -23.37
CA GLN B 290 12.52 35.87 -24.80
C GLN B 290 11.40 35.24 -25.63
N GLU B 291 11.58 35.30 -26.94
CA GLU B 291 10.72 34.58 -27.87
C GLU B 291 10.89 33.08 -27.62
N SER B 292 9.78 32.35 -27.60
CA SER B 292 9.81 30.93 -27.29
C SER B 292 8.52 30.23 -27.65
N VAL B 293 8.55 28.90 -27.62
CA VAL B 293 7.31 28.12 -27.55
C VAL B 293 7.31 27.35 -26.23
N PHE B 294 6.13 26.98 -25.76
CA PHE B 294 5.99 26.20 -24.53
C PHE B 294 6.51 26.92 -23.27
N ARG B 295 6.44 28.25 -23.26
CA ARG B 295 6.67 29.03 -22.06
C ARG B 295 5.51 29.98 -21.83
N PHE B 296 5.15 30.14 -20.56
CA PHE B 296 3.99 30.95 -20.19
C PHE B 296 4.38 31.89 -19.06
N SER B 297 3.77 33.07 -19.04
CA SER B 297 4.25 34.15 -18.17
C SER B 297 4.04 33.92 -16.68
N PHE B 298 2.84 33.50 -16.31
CA PHE B 298 2.52 33.41 -14.89
C PHE B 298 2.19 31.99 -14.50
N VAL B 299 3.11 31.35 -13.79
CA VAL B 299 2.98 29.96 -13.42
C VAL B 299 3.21 29.76 -11.92
N PRO B 300 2.98 28.55 -11.42
CA PRO B 300 3.27 28.31 -9.99
C PRO B 300 4.69 28.74 -9.61
N VAL B 301 4.81 29.40 -8.48
CA VAL B 301 6.10 29.85 -7.98
C VAL B 301 6.59 28.96 -6.83
N VAL B 302 7.88 28.61 -6.84
CA VAL B 302 8.48 27.91 -5.72
C VAL B 302 8.96 28.92 -4.69
N ASP B 303 8.19 29.09 -3.62
CA ASP B 303 8.50 30.11 -2.63
C ASP B 303 8.57 29.53 -1.22
N GLY B 304 8.56 28.20 -1.11
CA GLY B 304 8.70 27.57 0.19
C GLY B 304 7.38 27.33 0.92
N ASP B 305 6.28 27.85 0.36
CA ASP B 305 4.96 27.68 0.94
C ASP B 305 4.21 26.48 0.29
N PHE B 306 3.44 26.75 -0.78
CA PHE B 306 2.72 25.66 -1.44
C PHE B 306 3.68 24.50 -1.77
N LEU B 307 4.84 24.84 -2.34
CA LEU B 307 5.91 23.89 -2.60
C LEU B 307 7.11 24.31 -1.75
N SER B 308 7.51 23.46 -0.81
CA SER B 308 8.64 23.79 0.08
C SER B 308 9.99 23.61 -0.61
N ASP B 309 9.98 23.18 -1.87
CA ASP B 309 11.20 23.04 -2.67
C ASP B 309 10.78 22.83 -4.11
N THR B 310 11.74 22.70 -5.03
CA THR B 310 11.39 22.40 -6.41
C THR B 310 10.68 21.05 -6.46
N PRO B 311 9.79 20.87 -7.44
CA PRO B 311 9.11 19.57 -7.57
C PRO B 311 10.12 18.44 -7.72
N GLU B 312 11.18 18.70 -8.47
N GLU B 312 11.20 18.66 -8.46
CA GLU B 312 12.26 17.73 -8.67
CA GLU B 312 12.19 17.60 -8.62
C GLU B 312 12.86 17.28 -7.33
C GLU B 312 12.87 17.24 -7.30
N ALA B 313 13.20 18.24 -6.49
CA ALA B 313 13.75 17.95 -5.17
C ALA B 313 12.76 17.15 -4.32
N LEU B 314 11.49 17.58 -4.35
CA LEU B 314 10.45 16.94 -3.55
C LEU B 314 10.21 15.50 -3.99
N ILE B 315 10.20 15.29 -5.30
CA ILE B 315 10.04 13.96 -5.88
C ILE B 315 11.13 12.99 -5.40
N ASN B 316 12.37 13.46 -5.30
CA ASN B 316 13.48 12.61 -4.88
C ASN B 316 13.51 12.32 -3.40
N ALA B 317 12.99 13.26 -2.61
CA ALA B 317 12.96 13.11 -1.15
C ALA B 317 11.77 12.27 -0.66
N GLY B 318 10.75 12.13 -1.51
CA GLY B 318 9.49 11.54 -1.09
C GLY B 318 9.46 10.02 -0.90
N ASP B 319 8.69 9.57 0.09
CA ASP B 319 8.33 8.17 0.20
C ASP B 319 6.97 8.03 -0.48
N PHE B 320 6.91 7.28 -1.57
CA PHE B 320 5.64 7.16 -2.29
C PHE B 320 4.95 5.79 -2.22
N HIS B 321 5.29 4.99 -1.21
CA HIS B 321 4.51 3.78 -0.94
C HIS B 321 3.07 4.18 -0.65
N GLY B 322 2.12 3.43 -1.20
CA GLY B 322 0.72 3.70 -0.94
C GLY B 322 0.07 4.57 -2.02
N LEU B 323 0.90 5.16 -2.87
CA LEU B 323 0.38 5.93 -4.00
C LEU B 323 0.35 5.09 -5.29
N GLN B 324 -0.78 5.15 -5.99
CA GLN B 324 -0.84 4.67 -7.37
C GLN B 324 -1.03 5.85 -8.29
N VAL B 325 -0.35 5.82 -9.43
CA VAL B 325 -0.39 6.91 -10.39
C VAL B 325 -0.54 6.36 -11.80
N LEU B 326 -1.35 7.02 -12.62
CA LEU B 326 -1.42 6.72 -14.05
C LEU B 326 -0.85 7.92 -14.82
N VAL B 327 0.16 7.68 -15.65
CA VAL B 327 0.81 8.76 -16.41
C VAL B 327 0.97 8.35 -17.85
N GLY B 328 1.02 9.32 -18.75
CA GLY B 328 1.13 8.99 -20.17
C GLY B 328 1.34 10.21 -21.04
N VAL B 329 1.62 9.96 -22.31
CA VAL B 329 1.89 11.03 -23.27
C VAL B 329 1.23 10.65 -24.58
N VAL B 330 1.09 11.62 -25.48
CA VAL B 330 0.68 11.32 -26.86
C VAL B 330 1.91 11.13 -27.74
N LYS B 331 1.72 10.45 -28.87
CA LYS B 331 2.82 10.09 -29.76
C LYS B 331 3.64 11.28 -30.25
N ASP B 332 2.99 12.41 -30.51
CA ASP B 332 3.71 13.59 -31.02
C ASP B 332 3.52 14.86 -30.17
N GLU B 333 4.08 14.85 -28.97
CA GLU B 333 3.88 15.92 -27.98
C GLU B 333 4.28 17.32 -28.44
N GLY B 334 5.32 17.41 -29.26
CA GLY B 334 5.86 18.70 -29.63
C GLY B 334 5.21 19.41 -30.80
N SER B 335 4.62 18.67 -31.73
CA SER B 335 4.21 19.22 -33.03
C SER B 335 3.30 20.46 -32.94
N TYR B 336 2.29 20.41 -32.08
CA TYR B 336 1.31 21.50 -31.92
C TYR B 336 1.98 22.84 -31.60
N PHE B 337 2.94 22.81 -30.69
CA PHE B 337 3.55 24.04 -30.21
C PHE B 337 4.42 24.72 -31.26
N LEU B 338 4.88 23.98 -32.26
CA LEU B 338 5.82 24.54 -33.24
C LEU B 338 5.24 25.71 -34.06
N VAL B 339 3.92 25.67 -34.32
CA VAL B 339 3.26 26.71 -35.12
C VAL B 339 3.05 28.01 -34.34
N TYR B 340 3.45 28.04 -33.08
CA TYR B 340 3.31 29.24 -32.26
C TYR B 340 4.62 30.03 -32.10
N GLY B 341 5.57 29.81 -33.01
CA GLY B 341 6.81 30.58 -32.95
C GLY B 341 8.07 30.02 -33.57
N ALA B 342 8.11 28.71 -33.84
CA ALA B 342 9.28 28.15 -34.53
C ALA B 342 9.29 28.58 -36.00
N PRO B 343 10.42 29.13 -36.46
CA PRO B 343 10.53 29.64 -37.83
C PRO B 343 10.30 28.56 -38.87
N GLY B 344 9.53 28.89 -39.90
CA GLY B 344 9.26 27.95 -40.98
C GLY B 344 8.06 27.05 -40.73
N PHE B 345 7.37 27.22 -39.61
CA PHE B 345 6.26 26.33 -39.30
C PHE B 345 4.87 26.91 -39.57
N SER B 346 3.98 26.05 -40.05
CA SER B 346 2.59 26.43 -40.31
C SER B 346 1.72 25.18 -40.35
N LYS B 347 0.47 25.29 -39.91
CA LYS B 347 -0.46 24.19 -40.05
C LYS B 347 -0.90 24.08 -41.52
N ASP B 348 -0.62 25.12 -42.30
CA ASP B 348 -1.09 25.20 -43.67
C ASP B 348 -0.12 24.76 -44.75
N ASN B 349 1.10 24.37 -44.36
CA ASN B 349 2.01 23.68 -45.29
C ASN B 349 2.69 22.49 -44.60
N GLU B 350 3.64 21.86 -45.29
CA GLU B 350 4.30 20.68 -44.75
C GLU B 350 5.34 21.06 -43.70
N SER B 351 5.59 22.36 -43.56
CA SER B 351 6.57 22.86 -42.62
C SER B 351 7.91 22.13 -42.76
N LEU B 352 8.37 21.98 -44.00
CA LEU B 352 9.67 21.38 -44.28
C LEU B 352 10.79 22.40 -44.13
N ILE B 353 11.34 22.48 -42.93
CA ILE B 353 12.31 23.51 -42.59
C ILE B 353 13.75 23.17 -43.01
N SER B 354 14.56 24.21 -43.17
CA SER B 354 15.98 24.09 -43.49
C SER B 354 16.81 23.91 -42.23
N ARG B 355 18.07 23.54 -42.39
CA ARG B 355 18.98 23.40 -41.26
C ARG B 355 19.03 24.69 -40.42
N ALA B 356 19.18 25.83 -41.10
CA ALA B 356 19.23 27.12 -40.42
C ALA B 356 17.99 27.40 -39.54
N GLU B 357 16.80 27.08 -40.07
CA GLU B 357 15.56 27.22 -39.30
C GLU B 357 15.53 26.24 -38.13
N PHE B 358 16.04 25.03 -38.37
CA PHE B 358 16.16 24.04 -37.31
C PHE B 358 17.01 24.61 -36.18
N LEU B 359 18.19 25.12 -36.55
CA LEU B 359 19.13 25.67 -35.59
C LEU B 359 18.51 26.84 -34.84
N ALA B 360 17.81 27.72 -35.56
CA ALA B 360 17.12 28.82 -34.89
C ALA B 360 15.97 28.32 -34.02
N GLY B 361 15.27 27.30 -34.50
CA GLY B 361 14.12 26.76 -33.78
C GLY B 361 14.52 26.16 -32.44
N VAL B 362 15.73 25.60 -32.37
CA VAL B 362 16.23 25.06 -31.12
C VAL B 362 16.35 26.14 -30.04
N ARG B 363 16.81 27.33 -30.42
CA ARG B 363 16.94 28.43 -29.45
C ARG B 363 15.58 28.87 -28.94
N VAL B 364 14.57 28.79 -29.80
CA VAL B 364 13.19 29.12 -29.44
C VAL B 364 12.53 28.01 -28.61
N GLY B 365 12.85 26.76 -28.92
CA GLY B 365 12.22 25.64 -28.24
C GLY B 365 12.91 25.30 -26.93
N VAL B 366 14.17 25.68 -26.80
CA VAL B 366 14.90 25.48 -25.55
C VAL B 366 15.44 26.81 -25.10
N PRO B 367 14.54 27.72 -24.72
CA PRO B 367 14.91 29.10 -24.38
C PRO B 367 15.72 29.19 -23.09
N GLN B 368 16.49 30.26 -22.94
CA GLN B 368 17.18 30.56 -21.68
C GLN B 368 18.20 29.51 -21.23
N VAL B 369 18.84 28.82 -22.17
CA VAL B 369 20.00 28.02 -21.82
C VAL B 369 21.21 28.60 -22.55
N SER B 370 22.40 28.26 -22.08
CA SER B 370 23.64 28.71 -22.69
C SER B 370 23.82 28.15 -24.10
N ASP B 371 24.66 28.82 -24.89
CA ASP B 371 24.98 28.37 -26.24
C ASP B 371 25.49 26.95 -26.20
N LEU B 372 26.29 26.62 -25.16
CA LEU B 372 26.81 25.26 -25.03
C LEU B 372 25.67 24.25 -24.89
N ALA B 373 24.69 24.56 -24.07
CA ALA B 373 23.54 23.68 -23.89
C ALA B 373 22.80 23.48 -25.21
N ALA B 374 22.61 24.58 -25.94
CA ALA B 374 21.94 24.50 -27.24
C ALA B 374 22.70 23.59 -28.22
N GLU B 375 24.03 23.73 -28.26
CA GLU B 375 24.85 22.86 -29.11
C GLU B 375 24.68 21.39 -28.75
N ALA B 376 24.63 21.10 -27.45
CA ALA B 376 24.41 19.73 -27.00
C ALA B 376 23.08 19.24 -27.55
N VAL B 377 22.05 20.09 -27.51
CA VAL B 377 20.77 19.71 -28.05
C VAL B 377 20.89 19.39 -29.53
N VAL B 378 21.53 20.30 -30.27
CA VAL B 378 21.74 20.11 -31.69
C VAL B 378 22.48 18.82 -31.97
N LEU B 379 23.51 18.56 -31.16
CA LEU B 379 24.28 17.33 -31.29
C LEU B 379 23.35 16.10 -31.22
N HIS B 380 22.48 16.07 -30.21
N HIS B 380 22.49 16.07 -30.22
CA HIS B 380 21.67 14.89 -29.95
CA HIS B 380 21.68 14.87 -29.99
C HIS B 380 20.54 14.68 -30.95
C HIS B 380 20.54 14.68 -30.98
N TYR B 381 19.97 15.77 -31.45
CA TYR B 381 18.83 15.67 -32.35
C TYR B 381 19.19 15.78 -33.82
N THR B 382 20.47 15.87 -34.11
CA THR B 382 20.92 15.85 -35.49
C THR B 382 21.27 14.42 -35.89
N ASP B 383 20.78 14.00 -37.05
CA ASP B 383 21.24 12.76 -37.67
C ASP B 383 22.40 13.14 -38.57
N TRP B 384 23.62 12.86 -38.13
CA TRP B 384 24.80 13.34 -38.85
C TRP B 384 25.06 12.63 -40.18
N LEU B 385 24.23 11.64 -40.50
CA LEU B 385 24.22 11.07 -41.85
C LEU B 385 23.31 11.86 -42.79
N HIS B 386 22.35 12.58 -42.21
CA HIS B 386 21.36 13.36 -42.95
C HIS B 386 21.11 14.69 -42.26
N PRO B 387 22.18 15.49 -42.06
CA PRO B 387 22.08 16.69 -41.21
C PRO B 387 21.16 17.77 -41.75
N GLU B 388 20.80 17.72 -43.03
CA GLU B 388 20.04 18.80 -43.66
C GLU B 388 18.70 18.40 -44.33
N ASP B 389 18.26 17.16 -44.12
CA ASP B 389 16.99 16.67 -44.65
C ASP B 389 15.80 17.34 -43.95
N PRO B 390 15.03 18.14 -44.71
CA PRO B 390 13.93 18.96 -44.20
C PRO B 390 12.90 18.18 -43.37
N ALA B 391 12.44 17.05 -43.88
CA ALA B 391 11.47 16.21 -43.15
C ALA B 391 11.99 15.72 -41.81
N ARG B 392 13.24 15.27 -41.80
CA ARG B 392 13.86 14.77 -40.58
C ARG B 392 14.09 15.89 -39.58
N LEU B 393 14.34 17.10 -40.11
CA LEU B 393 14.57 18.26 -39.25
C LEU B 393 13.26 18.68 -38.57
N ARG B 394 12.17 18.65 -39.34
CA ARG B 394 10.85 18.92 -38.81
C ARG B 394 10.55 17.99 -37.65
N GLU B 395 10.67 16.67 -37.88
CA GLU B 395 10.42 15.68 -36.84
C GLU B 395 11.35 15.91 -35.66
N ALA B 396 12.59 16.28 -35.92
CA ALA B 396 13.56 16.39 -34.84
C ALA B 396 13.28 17.57 -33.93
N LEU B 397 12.84 18.69 -34.51
CA LEU B 397 12.51 19.85 -33.70
C LEU B 397 11.24 19.59 -32.87
N SER B 398 10.30 18.86 -33.45
CA SER B 398 9.11 18.45 -32.71
C SER B 398 9.51 17.58 -31.52
N ASP B 399 10.44 16.66 -31.74
CA ASP B 399 10.97 15.81 -30.67
C ASP B 399 11.71 16.63 -29.62
N VAL B 400 12.49 17.61 -30.04
CA VAL B 400 13.16 18.47 -29.07
C VAL B 400 12.14 19.12 -28.13
N VAL B 401 11.14 19.77 -28.72
CA VAL B 401 10.14 20.47 -27.95
C VAL B 401 9.32 19.51 -27.07
N GLY B 402 8.93 18.36 -27.63
CA GLY B 402 8.15 17.38 -26.87
C GLY B 402 8.94 16.69 -25.75
N ASP B 403 10.19 16.34 -26.04
CA ASP B 403 11.02 15.61 -25.08
C ASP B 403 11.35 16.52 -23.88
N HIS B 404 11.84 17.72 -24.17
CA HIS B 404 12.20 18.72 -23.18
C HIS B 404 11.02 19.10 -22.27
N ASN B 405 9.86 19.32 -22.89
CA ASN B 405 8.74 19.84 -22.14
C ASN B 405 7.76 18.83 -21.56
N VAL B 406 7.65 17.64 -22.14
CA VAL B 406 6.61 16.71 -21.71
C VAL B 406 7.10 15.29 -21.43
N VAL B 407 7.65 14.64 -22.44
CA VAL B 407 8.02 13.24 -22.32
C VAL B 407 9.06 13.00 -21.23
N CYS B 408 10.13 13.78 -21.27
CA CYS B 408 11.21 13.53 -20.32
C CYS B 408 10.87 13.96 -18.89
N PRO B 409 10.16 15.10 -18.73
CA PRO B 409 9.64 15.37 -17.37
C PRO B 409 8.67 14.28 -16.87
N VAL B 410 7.85 13.69 -17.77
CA VAL B 410 6.94 12.62 -17.36
C VAL B 410 7.71 11.34 -17.01
N ALA B 411 8.71 11.01 -17.82
CA ALA B 411 9.52 9.81 -17.55
C ALA B 411 10.23 9.92 -16.21
N GLN B 412 10.77 11.09 -15.90
CA GLN B 412 11.45 11.28 -14.62
C GLN B 412 10.49 11.11 -13.45
N LEU B 413 9.34 11.78 -13.53
CA LEU B 413 8.29 11.63 -12.54
C LEU B 413 7.98 10.15 -12.34
N ALA B 414 7.68 9.46 -13.44
CA ALA B 414 7.33 8.05 -13.38
C ALA B 414 8.45 7.18 -12.77
N GLY B 415 9.68 7.39 -13.22
CA GLY B 415 10.83 6.65 -12.72
C GLY B 415 11.11 6.86 -11.25
N ARG B 416 11.08 8.12 -10.82
CA ARG B 416 11.35 8.43 -9.43
C ARG B 416 10.23 7.97 -8.52
N LEU B 417 8.98 8.15 -8.96
CA LEU B 417 7.86 7.72 -8.13
C LEU B 417 7.90 6.21 -7.95
N ALA B 418 8.12 5.49 -9.04
CA ALA B 418 8.20 4.02 -8.95
C ALA B 418 9.32 3.59 -8.01
N ALA B 419 10.51 4.18 -8.20
CA ALA B 419 11.67 3.79 -7.40
C ALA B 419 11.46 4.09 -5.92
N GLN B 420 10.54 4.99 -5.60
CA GLN B 420 10.27 5.33 -4.21
C GLN B 420 8.92 4.85 -3.70
N GLY B 421 8.39 3.81 -4.34
CA GLY B 421 7.33 3.01 -3.73
C GLY B 421 5.93 3.13 -4.31
N ALA B 422 5.76 4.03 -5.27
CA ALA B 422 4.47 4.21 -5.92
C ALA B 422 4.30 3.12 -6.96
N ARG B 423 3.06 2.71 -7.20
CA ARG B 423 2.79 1.81 -8.30
C ARG B 423 2.37 2.66 -9.50
N VAL B 424 3.19 2.62 -10.55
CA VAL B 424 3.00 3.52 -11.69
C VAL B 424 2.58 2.76 -12.95
N TYR B 425 1.59 3.30 -13.66
CA TYR B 425 1.23 2.77 -14.97
C TYR B 425 1.45 3.86 -16.03
N ALA B 426 2.11 3.50 -17.13
CA ALA B 426 2.45 4.46 -18.17
C ALA B 426 1.89 4.05 -19.54
N TYR B 427 1.49 5.04 -20.33
CA TYR B 427 0.95 4.76 -21.66
C TYR B 427 1.51 5.75 -22.67
N VAL B 428 1.57 5.32 -23.93
CA VAL B 428 1.70 6.25 -25.04
C VAL B 428 0.42 6.15 -25.88
N PHE B 429 -0.25 7.28 -26.05
CA PHE B 429 -1.50 7.31 -26.80
C PHE B 429 -1.19 7.55 -28.27
N GLU B 430 -1.55 6.60 -29.13
CA GLU B 430 -1.02 6.59 -30.50
C GLU B 430 -2.07 6.66 -31.59
N HIS B 431 -3.32 6.88 -31.21
CA HIS B 431 -4.37 7.00 -32.22
C HIS B 431 -4.66 8.45 -32.65
N ARG B 432 -4.55 8.71 -33.95
CA ARG B 432 -4.92 10.01 -34.49
C ARG B 432 -6.40 10.03 -34.84
N ALA B 433 -7.17 10.87 -34.15
CA ALA B 433 -8.62 10.97 -34.34
C ALA B 433 -8.98 11.18 -35.81
N SER B 434 -9.96 10.45 -36.30
CA SER B 434 -10.45 10.63 -37.67
C SER B 434 -10.96 12.07 -37.88
N THR B 435 -11.40 12.71 -36.80
CA THR B 435 -11.98 14.07 -36.88
C THR B 435 -10.95 15.19 -36.72
N LEU B 436 -9.67 14.82 -36.63
CA LEU B 436 -8.63 15.80 -36.33
C LEU B 436 -8.47 16.78 -37.51
N SER B 437 -8.46 18.08 -37.22
CA SER B 437 -8.42 19.11 -38.26
C SER B 437 -7.02 19.67 -38.50
N TRP B 438 -6.09 19.37 -37.59
CA TRP B 438 -4.68 19.73 -37.77
C TRP B 438 -4.08 18.83 -38.84
N PRO B 439 -3.01 19.32 -39.52
CA PRO B 439 -2.46 18.57 -40.66
C PRO B 439 -1.84 17.23 -40.23
N LEU B 440 -1.68 16.36 -41.22
CA LEU B 440 -1.14 15.03 -41.03
C LEU B 440 0.27 15.01 -40.43
N TRP B 441 1.09 16.02 -40.76
CA TRP B 441 2.47 16.03 -40.30
C TRP B 441 2.59 16.18 -38.79
N MET B 442 1.52 16.67 -38.17
CA MET B 442 1.51 16.84 -36.72
C MET B 442 1.27 15.52 -35.97
N GLY B 443 0.85 14.47 -36.67
CA GLY B 443 0.68 13.15 -36.04
C GLY B 443 -0.46 13.13 -35.01
N VAL B 444 -0.20 12.53 -33.86
CA VAL B 444 -1.13 12.56 -32.73
C VAL B 444 -0.72 13.71 -31.82
N PRO B 445 -1.34 14.90 -31.97
CA PRO B 445 -0.81 16.06 -31.25
C PRO B 445 -1.27 16.12 -29.81
N HIS B 446 -0.60 16.98 -29.05
CA HIS B 446 -0.88 17.22 -27.64
C HIS B 446 -2.35 17.58 -27.42
N GLY B 447 -2.98 16.98 -26.42
CA GLY B 447 -4.37 17.27 -26.11
C GLY B 447 -5.41 16.36 -26.75
N TYR B 448 -5.03 15.58 -27.76
CA TYR B 448 -6.04 14.84 -28.54
C TYR B 448 -6.39 13.43 -28.06
N GLU B 449 -5.93 13.10 -26.86
CA GLU B 449 -6.41 11.88 -26.20
C GLU B 449 -7.63 12.21 -25.33
N ILE B 450 -7.71 13.46 -24.88
CA ILE B 450 -8.73 13.86 -23.92
C ILE B 450 -10.15 13.48 -24.34
N GLU B 451 -10.49 13.74 -25.59
CA GLU B 451 -11.84 13.46 -26.08
C GLU B 451 -12.15 11.97 -26.02
N PHE B 452 -11.13 11.12 -26.10
CA PHE B 452 -11.34 9.70 -25.96
C PHE B 452 -11.58 9.30 -24.51
N ILE B 453 -10.81 9.87 -23.59
CA ILE B 453 -10.97 9.58 -22.17
C ILE B 453 -12.37 9.99 -21.70
N PHE B 454 -12.86 11.13 -22.20
CA PHE B 454 -14.19 11.60 -21.83
C PHE B 454 -15.32 10.95 -22.62
N GLY B 455 -14.99 10.05 -23.55
CA GLY B 455 -16.00 9.32 -24.31
C GLY B 455 -16.76 10.17 -25.30
N ILE B 456 -16.18 11.30 -25.71
CA ILE B 456 -16.81 12.17 -26.70
C ILE B 456 -17.28 11.43 -27.97
N PRO B 457 -16.50 10.44 -28.44
CA PRO B 457 -16.94 9.72 -29.64
C PRO B 457 -18.31 9.04 -29.50
N LEU B 458 -18.82 8.89 -28.28
CA LEU B 458 -20.17 8.34 -28.06
C LEU B 458 -21.29 9.31 -28.47
N ASP B 459 -20.96 10.59 -28.62
CA ASP B 459 -21.94 11.58 -29.07
C ASP B 459 -22.22 11.40 -30.56
N PRO B 460 -23.47 11.03 -30.89
CA PRO B 460 -23.89 10.73 -32.27
C PRO B 460 -23.74 11.95 -33.18
N SER B 461 -24.02 13.14 -32.65
CA SER B 461 -23.91 14.37 -33.41
C SER B 461 -22.48 14.66 -33.89
N ARG B 462 -21.51 13.94 -33.33
CA ARG B 462 -20.14 14.04 -33.84
C ARG B 462 -19.88 12.91 -34.83
N ASN B 463 -18.74 12.97 -35.52
CA ASN B 463 -18.54 12.12 -36.70
C ASN B 463 -17.44 11.10 -36.51
N TYR B 464 -17.35 10.54 -35.30
CA TYR B 464 -16.36 9.52 -35.02
C TYR B 464 -16.82 8.17 -35.60
N THR B 465 -15.85 7.31 -35.90
CA THR B 465 -16.14 5.98 -36.44
C THR B 465 -16.60 5.00 -35.37
N ALA B 466 -17.20 3.90 -35.81
CA ALA B 466 -17.60 2.81 -34.91
C ALA B 466 -16.41 2.31 -34.10
N GLU B 467 -15.27 2.14 -34.74
CA GLU B 467 -14.08 1.67 -34.04
C GLU B 467 -13.61 2.65 -32.98
N GLU B 468 -13.71 3.94 -33.28
CA GLU B 468 -13.30 4.95 -32.32
C GLU B 468 -14.18 4.94 -31.07
N LYS B 469 -15.47 4.61 -31.24
CA LYS B 469 -16.37 4.51 -30.09
C LYS B 469 -15.97 3.36 -29.15
N ILE B 470 -15.79 2.18 -29.72
CA ILE B 470 -15.26 1.02 -28.99
C ILE B 470 -13.95 1.36 -28.25
N PHE B 471 -13.05 2.05 -28.95
CA PHE B 471 -11.80 2.49 -28.38
C PHE B 471 -12.05 3.43 -27.19
N ALA B 472 -12.92 4.41 -27.36
CA ALA B 472 -13.24 5.32 -26.26
C ALA B 472 -13.78 4.53 -25.05
N GLN B 473 -14.68 3.58 -25.31
CA GLN B 473 -15.19 2.74 -24.23
C GLN B 473 -14.07 1.97 -23.53
N ARG B 474 -13.08 1.51 -24.29
CA ARG B 474 -11.92 0.84 -23.67
C ARG B 474 -11.17 1.80 -22.75
N LEU B 475 -10.95 3.02 -23.23
CA LEU B 475 -10.17 3.98 -22.45
C LEU B 475 -10.88 4.42 -21.16
N MET B 476 -12.19 4.67 -21.26
CA MET B 476 -13.00 5.04 -20.08
C MET B 476 -12.91 3.93 -19.05
N ARG B 477 -12.96 2.68 -19.53
CA ARG B 477 -12.86 1.50 -18.67
C ARG B 477 -11.51 1.41 -17.96
N TYR B 478 -10.41 1.67 -18.68
CA TYR B 478 -9.08 1.65 -18.04
C TYR B 478 -9.02 2.71 -16.94
N TRP B 479 -9.42 3.94 -17.29
CA TRP B 479 -9.37 5.06 -16.35
C TRP B 479 -10.26 4.83 -15.13
N ALA B 480 -11.47 4.34 -15.37
CA ALA B 480 -12.40 4.09 -14.28
C ALA B 480 -11.92 2.92 -13.40
N ASN B 481 -11.40 1.87 -14.02
CA ASN B 481 -10.80 0.75 -13.29
C ASN B 481 -9.74 1.28 -12.36
N PHE B 482 -8.88 2.13 -12.91
CA PHE B 482 -7.78 2.69 -12.14
C PHE B 482 -8.35 3.50 -10.95
N ALA B 483 -9.34 4.34 -11.23
CA ALA B 483 -9.97 5.12 -10.18
C ALA B 483 -10.54 4.23 -9.07
N ARG B 484 -11.13 3.09 -9.44
CA ARG B 484 -11.75 2.20 -8.47
C ARG B 484 -10.76 1.36 -7.66
N THR B 485 -9.69 0.89 -8.30
CA THR B 485 -8.82 -0.12 -7.68
C THR B 485 -7.34 0.23 -7.65
N GLY B 486 -6.94 1.23 -8.42
CA GLY B 486 -5.52 1.56 -8.52
C GLY B 486 -4.81 0.76 -9.60
N ASP B 487 -5.59 0.05 -10.41
CA ASP B 487 -5.06 -0.82 -11.45
C ASP B 487 -6.00 -0.72 -12.65
N PRO B 488 -5.49 -0.23 -13.81
CA PRO B 488 -6.36 -0.04 -14.98
C PRO B 488 -6.83 -1.37 -15.57
N ASN B 489 -6.15 -2.46 -15.24
CA ASN B 489 -6.42 -3.75 -15.85
C ASN B 489 -7.81 -4.35 -15.66
N GLU B 490 -8.32 -4.89 -16.76
CA GLU B 490 -9.50 -5.74 -16.77
C GLU B 490 -9.06 -7.18 -16.45
N PRO B 491 -10.02 -8.03 -16.04
CA PRO B 491 -9.75 -9.47 -15.85
C PRO B 491 -8.99 -10.08 -17.02
N ARG B 492 -8.12 -11.04 -16.73
CA ARG B 492 -7.21 -11.62 -17.72
C ARG B 492 -7.89 -12.21 -18.96
N ASP B 493 -7.16 -12.18 -20.07
CA ASP B 493 -7.66 -12.71 -21.34
C ASP B 493 -6.51 -13.09 -22.27
N PRO B 497 -4.50 -9.29 -22.67
CA PRO B 497 -3.14 -8.73 -22.61
C PRO B 497 -3.02 -7.65 -21.53
N GLN B 498 -2.14 -7.87 -20.57
CA GLN B 498 -2.12 -7.09 -19.34
C GLN B 498 -1.19 -5.89 -19.39
N TRP B 499 -1.62 -4.81 -18.75
CA TRP B 499 -0.88 -3.58 -18.61
C TRP B 499 0.03 -3.69 -17.38
N PRO B 500 1.35 -3.88 -17.57
CA PRO B 500 2.24 -4.03 -16.39
C PRO B 500 2.64 -2.68 -15.81
N PRO B 501 2.96 -2.64 -14.52
CA PRO B 501 3.42 -1.38 -13.91
C PRO B 501 4.75 -0.90 -14.51
N TYR B 502 4.92 0.41 -14.60
CA TYR B 502 6.19 1.00 -15.02
C TYR B 502 7.18 0.95 -13.88
N THR B 503 8.39 0.51 -14.16
CA THR B 503 9.46 0.52 -13.16
C THR B 503 10.71 1.19 -13.72
N ALA B 504 11.58 1.68 -12.84
CA ALA B 504 12.76 2.40 -13.30
C ALA B 504 13.69 1.51 -14.12
N GLY B 505 13.76 0.23 -13.77
CA GLY B 505 14.53 -0.75 -14.54
C GLY B 505 13.89 -1.13 -15.88
N ALA B 506 12.82 -1.94 -15.84
CA ALA B 506 12.21 -2.47 -17.05
C ALA B 506 11.55 -1.40 -17.94
N GLN B 507 11.08 -0.32 -17.32
CA GLN B 507 10.50 0.84 -18.02
C GLN B 507 9.38 0.48 -18.98
N GLN B 508 8.52 -0.44 -18.57
CA GLN B 508 7.45 -0.90 -19.44
C GLN B 508 6.25 0.04 -19.46
N TYR B 509 5.75 0.31 -20.66
CA TYR B 509 4.53 1.08 -20.84
C TYR B 509 3.69 0.40 -21.91
N VAL B 510 2.47 0.88 -22.14
CA VAL B 510 1.67 0.31 -23.23
C VAL B 510 1.29 1.37 -24.24
N SER B 511 1.13 0.96 -25.49
CA SER B 511 0.55 1.84 -26.49
C SER B 511 -0.98 1.69 -26.50
N LEU B 512 -1.66 2.84 -26.47
CA LEU B 512 -3.10 2.85 -26.58
C LEU B 512 -3.50 3.29 -27.98
N ASP B 513 -4.06 2.37 -28.75
CA ASP B 513 -4.87 2.73 -29.92
C ASP B 513 -5.85 1.62 -30.25
N LEU B 514 -6.23 1.53 -31.52
CA LEU B 514 -7.33 0.64 -31.91
C LEU B 514 -7.01 -0.84 -31.72
N ARG B 515 -5.77 -1.24 -32.00
CA ARG B 515 -5.33 -2.60 -31.74
C ARG B 515 -5.15 -2.82 -30.25
N PRO B 516 -5.16 -4.08 -29.82
CA PRO B 516 -4.99 -4.44 -28.39
C PRO B 516 -3.69 -3.88 -27.80
N LEU B 517 -3.65 -3.72 -26.48
CA LEU B 517 -2.44 -3.26 -25.79
C LEU B 517 -1.22 -3.96 -26.33
N GLU B 518 -0.14 -3.22 -26.42
CA GLU B 518 1.14 -3.81 -26.74
C GLU B 518 2.09 -3.22 -25.69
N VAL B 519 2.86 -4.09 -25.03
CA VAL B 519 3.81 -3.65 -24.03
C VAL B 519 5.13 -3.29 -24.68
N ARG B 520 5.67 -2.13 -24.33
CA ARG B 520 6.96 -1.69 -24.84
C ARG B 520 7.88 -1.20 -23.72
N ARG B 521 9.16 -0.98 -24.03
CA ARG B 521 10.16 -0.56 -23.04
C ARG B 521 10.76 0.81 -23.37
N GLY B 522 10.84 1.67 -22.37
CA GLY B 522 11.53 2.94 -22.51
C GLY B 522 10.72 4.11 -23.04
N LEU B 523 10.49 5.09 -22.18
CA LEU B 523 9.90 6.34 -22.62
C LEU B 523 11.04 7.21 -23.14
N ARG B 524 11.41 6.97 -24.40
N ARG B 524 11.42 6.97 -24.39
CA ARG B 524 12.53 7.67 -25.02
CA ARG B 524 12.52 7.73 -25.00
C ARG B 524 13.73 7.72 -24.10
C ARG B 524 13.74 7.74 -24.09
N ALA B 525 14.18 6.55 -23.67
CA ALA B 525 15.25 6.43 -22.68
C ALA B 525 16.52 7.18 -23.04
N GLN B 526 16.95 7.09 -24.30
CA GLN B 526 18.18 7.75 -24.70
C GLN B 526 18.02 9.27 -24.60
N ALA B 527 16.99 9.82 -25.25
CA ALA B 527 16.75 11.26 -25.18
C ALA B 527 16.60 11.73 -23.73
N CYS B 528 15.87 10.98 -22.94
CA CYS B 528 15.58 11.41 -21.57
C CYS B 528 16.77 11.31 -20.60
N ALA B 529 17.74 10.45 -20.92
CA ALA B 529 18.98 10.43 -20.15
C ALA B 529 19.65 11.78 -20.36
N PHE B 530 19.57 12.26 -21.59
CA PHE B 530 20.16 13.56 -21.92
C PHE B 530 19.55 14.72 -21.11
N TRP B 531 18.23 14.87 -21.19
CA TRP B 531 17.52 15.96 -20.53
C TRP B 531 17.51 15.84 -19.01
N ASN B 532 17.32 14.63 -18.51
CA ASN B 532 17.13 14.41 -17.08
C ASN B 532 18.44 14.17 -16.33
N ARG B 533 19.41 13.54 -16.97
CA ARG B 533 20.65 13.20 -16.26
C ARG B 533 21.83 14.12 -16.59
N PHE B 534 22.11 14.32 -17.86
CA PHE B 534 23.28 15.10 -18.25
C PHE B 534 23.09 16.62 -18.25
N LEU B 535 22.05 17.10 -18.92
CA LEU B 535 21.86 18.54 -19.11
C LEU B 535 21.92 19.37 -17.82
N PRO B 536 21.25 18.91 -16.75
CA PRO B 536 21.35 19.64 -15.48
C PRO B 536 22.81 19.82 -15.02
N LYS B 537 23.60 18.75 -15.11
CA LYS B 537 25.03 18.86 -14.77
C LYS B 537 25.72 19.92 -15.62
N LEU B 538 25.44 19.91 -16.91
CA LEU B 538 26.01 20.87 -17.84
C LEU B 538 25.61 22.31 -17.49
N LEU B 539 24.34 22.48 -17.11
CA LEU B 539 23.85 23.81 -16.74
C LEU B 539 24.49 24.33 -15.44
N SER B 540 24.77 23.43 -14.48
CA SER B 540 25.44 23.83 -13.24
C SER B 540 26.85 24.36 -13.48
N ALA B 541 27.42 24.03 -14.63
CA ALA B 541 28.78 24.45 -14.98
C ALA B 541 28.85 25.25 -16.29
OH2 1PE C . -3.22 -44.00 27.95
C12 1PE C . -3.76 -43.68 26.68
C22 1PE C . -4.67 -42.42 26.75
OH3 1PE C . -5.65 -42.50 25.67
C13 1PE C . -6.29 -41.98 23.39
C23 1PE C . -5.72 -41.44 24.74
OH4 1PE C . -5.20 -42.54 22.60
C14 1PE C . -4.16 -44.15 21.08
C24 1PE C . -5.49 -43.54 21.59
OH5 1PE C . -3.50 -44.89 22.11
C15 1PE C . -1.43 -44.73 23.41
C25 1PE C . -2.06 -45.00 22.04
OH6 1PE C . 0.01 -44.62 23.35
C16 1PE C . 1.92 -43.28 24.07
C26 1PE C . 0.59 -43.96 24.47
OH7 1PE C . 2.40 -42.52 25.13
HO2 1PE C . -2.80 -44.81 27.89
H121 1PE C . -3.04 -43.51 26.04
H122 1PE C . -4.30 -44.44 26.36
H221 1PE C . -5.13 -42.39 27.62
H222 1PE C . -4.12 -41.61 26.64
H131 1PE C . -6.69 -41.24 22.89
H132 1PE C . -6.96 -42.67 23.56
H231 1PE C . -4.82 -41.08 24.59
H232 1PE C . -6.31 -40.74 25.09
H141 1PE C . -4.33 -44.72 20.30
H142 1PE C . -3.58 -43.42 20.80
H241 1PE C . -6.05 -44.25 21.97
H242 1PE C . -5.97 -43.12 20.84
H151 1PE C . -1.68 -45.43 24.03
H152 1PE C . -1.78 -43.87 23.75
H251 1PE C . -1.73 -44.34 21.41
H252 1PE C . -1.81 -45.89 21.73
H161 1PE C . 1.77 -42.70 23.29
H162 1PE C . 2.58 -43.97 23.83
H261 1PE C . -0.04 -43.27 24.80
H262 1PE C . 0.74 -44.61 25.18
HO7 1PE C . 3.22 -42.25 24.94
#